data_7TPS
#
_entry.id   7TPS
#
_cell.length_a   59.928
_cell.length_b   122.152
_cell.length_c   152.675
_cell.angle_alpha   90.000
_cell.angle_beta   90.000
_cell.angle_gamma   90.000
#
_symmetry.space_group_name_H-M   'P 21 21 21'
#
loop_
_entity.id
_entity.type
_entity.pdbx_description
1 polymer 'T-lymphocyte activation antigen CD80'
2 polymer 'Programmed cell death 1 ligand 1'
3 polymer 'Programmed cell death 1 ligand 1'
4 branched 2-acetamido-2-deoxy-beta-D-glucopyranose-(1-4)-[alpha-L-fucopyranose-(1-6)]2-acetamido-2-deoxy-beta-D-glucopyranose
5 branched 2-acetamido-2-deoxy-beta-D-glucopyranose-(1-3)-[alpha-L-fucopyranose-(1-6)]2-acetamido-2-deoxy-beta-D-glucopyranose
6 non-polymer 2-acetamido-2-deoxy-beta-D-glucopyranose
7 non-polymer GLYCEROL
8 water water
#
loop_
_entity_poly.entity_id
_entity_poly.type
_entity_poly.pdbx_seq_one_letter_code
_entity_poly.pdbx_strand_id
1 'polypeptide(L)'
;VIHVTKEVKEVATLSCGYNVSVEELEQTRIYWQKDKKMVLTMMSGDLNIWPEYKNRTIFDITNNLSIMILGLRPSDEGTY
ECVVLKYEKGAFKREHLAEVTLSVKA
;
A,C
2 'polypeptide(L)'
;FTVTVPKDLYVVEYGSNMTIECKFPVEKQLDLAALIVYWEMEDKNIIQFVHGEEDLKVQHSSYRQRARLLKDQLSLGNAA
LQITDVKLQDAGVYRCMISYGGADYKRI(TPO)VKVNAPYNKINQRILVVDPVTSEHELTCQAEGYPKAEVIWTSSDHQV
LSGKTTTTNSKREEKLFNVTSTLRINTTTNEIFYCTFRRLDPEENHTAELVIP
;
B
3 'polypeptide(L)'
;FTVTVPKDLYVVEYGSNMTIECKFPVEKQLDLAALIVYWEMEDKNIIQFVHGEEDLKVQHSSYRQRARLLKDQLSLGNAA
LQITDVKLQDAGVYRCMISYGGADYKRITVKVNAPYNKINQRILVVDPVTSEHELTCQAEGYPKAEVIWTSSDHQVLSGK
TTTTNSKREEKLFNVTSTLRINTTTNEIFYCTFRRLDPEENHTAELVIP
;
D
#
loop_
_chem_comp.id
_chem_comp.type
_chem_comp.name
_chem_comp.formula
FUC L-saccharide, alpha linking alpha-L-fucopyranose 'C6 H12 O5'
GOL non-polymer GLYCEROL 'C3 H8 O3'
NAG D-saccharide, beta linking 2-acetamido-2-deoxy-beta-D-glucopyranose 'C8 H15 N O6'
#
# COMPACT_ATOMS: atom_id res chain seq x y z
N VAL A 1 -20.41 21.39 -31.21
CA VAL A 1 -19.15 21.13 -30.51
C VAL A 1 -19.42 21.08 -28.99
N ILE A 2 -18.76 20.15 -28.29
CA ILE A 2 -18.93 19.99 -26.86
C ILE A 2 -17.67 20.45 -26.17
N HIS A 3 -17.79 21.32 -25.16
CA HIS A 3 -16.62 21.78 -24.42
C HIS A 3 -16.54 21.08 -23.10
N VAL A 4 -15.67 20.07 -23.04
CA VAL A 4 -15.46 19.23 -21.86
C VAL A 4 -14.30 19.70 -21.01
N THR A 5 -14.51 19.75 -19.71
CA THR A 5 -13.47 20.18 -18.78
C THR A 5 -13.09 19.01 -17.92
N LYS A 6 -11.81 18.66 -17.91
CA LYS A 6 -11.30 17.56 -17.10
C LYS A 6 -10.08 18.03 -16.28
N GLU A 7 -9.67 17.25 -15.29
CA GLU A 7 -8.53 17.61 -14.45
C GLU A 7 -7.27 16.84 -14.79
N VAL A 8 -6.12 17.44 -14.49
CA VAL A 8 -4.83 16.81 -14.72
C VAL A 8 -4.72 15.48 -13.95
N LYS A 9 -4.15 14.48 -14.59
CA LYS A 9 -3.99 13.13 -14.08
C LYS A 9 -5.28 12.26 -14.18
N GLU A 10 -6.35 12.78 -14.77
CA GLU A 10 -7.58 12.03 -14.95
C GLU A 10 -7.63 11.34 -16.34
N VAL A 11 -8.76 10.69 -16.64
CA VAL A 11 -9.00 10.06 -17.92
C VAL A 11 -10.07 10.90 -18.61
N ALA A 12 -9.88 11.22 -19.89
CA ALA A 12 -10.89 11.95 -20.63
C ALA A 12 -11.47 11.03 -21.67
N THR A 13 -12.80 10.94 -21.76
CA THR A 13 -13.44 10.13 -22.78
C THR A 13 -14.17 11.07 -23.68
N LEU A 14 -13.75 11.13 -24.93
CA LEU A 14 -14.36 12.01 -25.90
C LEU A 14 -15.17 11.14 -26.82
N SER A 15 -16.47 11.42 -26.93
CA SER A 15 -17.38 10.62 -27.73
C SER A 15 -17.57 11.12 -29.16
N CYS A 16 -17.74 10.18 -30.09
CA CYS A 16 -18.01 10.54 -31.47
C CYS A 16 -19.51 10.78 -31.73
N GLY A 17 -20.38 10.34 -30.81
CA GLY A 17 -21.83 10.49 -30.94
C GLY A 17 -22.39 9.66 -32.06
N TYR A 18 -21.73 8.51 -32.35
CA TYR A 18 -22.11 7.63 -33.44
C TYR A 18 -21.75 6.20 -33.09
N ASN A 19 -22.73 5.28 -33.18
CA ASN A 19 -22.49 3.87 -32.90
C ASN A 19 -22.46 3.12 -34.21
N VAL A 20 -21.43 2.28 -34.41
CA VAL A 20 -21.31 1.46 -35.62
C VAL A 20 -21.29 -0.01 -35.21
N SER A 21 -22.14 -0.82 -35.86
CA SER A 21 -22.18 -2.25 -35.58
C SER A 21 -20.91 -2.92 -36.12
N VAL A 22 -20.54 -4.08 -35.59
CA VAL A 22 -19.31 -4.76 -36.03
C VAL A 22 -19.37 -5.19 -37.52
N GLU A 23 -20.57 -5.46 -38.03
CA GLU A 23 -20.81 -5.84 -39.42
C GLU A 23 -20.55 -4.67 -40.35
N GLU A 24 -20.97 -3.46 -39.92
CA GLU A 24 -20.80 -2.18 -40.61
C GLU A 24 -19.37 -1.69 -40.64
N LEU A 25 -18.46 -2.28 -39.84
CA LEU A 25 -17.08 -1.84 -39.79
C LEU A 25 -16.34 -2.02 -41.10
N GLU A 26 -16.55 -3.17 -41.76
CA GLU A 26 -15.93 -3.53 -43.03
C GLU A 26 -16.13 -2.47 -44.12
N GLN A 27 -17.17 -1.65 -44.00
CA GLN A 27 -17.44 -0.62 -44.99
C GLN A 27 -17.59 0.76 -44.34
N THR A 28 -16.78 1.03 -43.33
CA THR A 28 -16.79 2.33 -42.67
C THR A 28 -15.38 2.76 -42.37
N ARG A 29 -15.10 4.06 -42.53
CA ARG A 29 -13.81 4.66 -42.20
C ARG A 29 -13.96 5.73 -41.12
N ILE A 30 -13.28 5.52 -39.96
CA ILE A 30 -13.27 6.39 -38.79
C ILE A 30 -11.95 7.17 -38.63
N TYR A 31 -12.07 8.48 -38.46
CA TYR A 31 -10.92 9.35 -38.37
C TYR A 31 -11.00 10.22 -37.12
N TRP A 32 -10.13 9.98 -36.14
CA TRP A 32 -10.07 10.84 -34.98
C TRP A 32 -8.79 11.64 -35.11
N GLN A 33 -8.89 12.97 -34.99
CA GLN A 33 -7.71 13.82 -35.07
C GLN A 33 -7.81 14.97 -34.07
N LYS A 34 -6.64 15.51 -33.67
CA LYS A 34 -6.56 16.61 -32.70
C LYS A 34 -5.82 17.77 -33.32
N ASP A 35 -6.46 18.94 -33.38
CA ASP A 35 -5.86 20.15 -33.96
C ASP A 35 -5.31 19.91 -35.39
N LYS A 36 -6.09 19.23 -36.23
CA LYS A 36 -5.77 18.88 -37.61
C LYS A 36 -4.60 17.89 -37.76
N LYS A 37 -4.17 17.27 -36.66
CA LYS A 37 -3.09 16.28 -36.60
C LYS A 37 -3.75 14.91 -36.34
N MET A 38 -3.41 13.88 -37.11
CA MET A 38 -4.03 12.56 -36.95
C MET A 38 -3.78 11.86 -35.63
N VAL A 39 -4.84 11.27 -35.05
CA VAL A 39 -4.76 10.53 -33.78
C VAL A 39 -4.85 9.03 -34.07
N LEU A 40 -5.93 8.58 -34.74
CA LEU A 40 -6.10 7.16 -35.08
C LEU A 40 -7.04 6.96 -36.25
N THR A 41 -6.88 5.85 -36.97
CA THR A 41 -7.79 5.55 -38.08
C THR A 41 -8.32 4.11 -38.03
N MET A 42 -9.64 4.01 -38.00
CA MET A 42 -10.30 2.73 -38.11
C MET A 42 -10.68 2.66 -39.55
N MET A 43 -9.87 1.97 -40.33
CA MET A 43 -10.08 1.88 -41.77
C MET A 43 -10.59 0.54 -42.14
N SER A 44 -11.92 0.44 -42.29
CA SER A 44 -12.62 -0.81 -42.64
C SER A 44 -12.20 -1.99 -41.76
N GLY A 45 -12.26 -1.77 -40.45
CA GLY A 45 -11.92 -2.79 -39.47
C GLY A 45 -10.49 -2.76 -38.99
N ASP A 46 -9.64 -1.96 -39.64
CA ASP A 46 -8.24 -1.88 -39.27
C ASP A 46 -7.85 -0.60 -38.50
N LEU A 47 -7.61 -0.75 -37.21
CA LEU A 47 -7.23 0.34 -36.32
C LEU A 47 -5.77 0.65 -36.44
N ASN A 48 -5.44 1.95 -36.49
CA ASN A 48 -4.08 2.47 -36.56
C ASN A 48 -3.93 3.70 -35.69
N ILE A 49 -3.35 3.57 -34.48
CA ILE A 49 -3.14 4.73 -33.61
C ILE A 49 -1.78 5.32 -33.90
N TRP A 50 -1.72 6.65 -34.02
CA TRP A 50 -0.53 7.38 -34.34
C TRP A 50 0.46 7.40 -33.20
N PRO A 51 1.75 7.41 -33.51
CA PRO A 51 2.78 7.31 -32.46
C PRO A 51 2.70 8.22 -31.24
N GLU A 52 2.24 9.47 -31.41
CA GLU A 52 2.09 10.37 -30.25
C GLU A 52 0.85 10.06 -29.42
N TYR A 53 0.05 9.08 -29.82
CA TYR A 53 -1.19 8.68 -29.17
C TYR A 53 -1.25 7.18 -28.85
N LYS A 54 -0.25 6.39 -29.23
CA LYS A 54 -0.27 4.95 -28.96
C LYS A 54 -0.29 4.62 -27.47
N ASN A 55 0.69 5.14 -26.74
CA ASN A 55 0.96 4.86 -25.35
C ASN A 55 -0.18 5.16 -24.37
N ARG A 56 -1.02 6.20 -24.61
CA ARG A 56 -2.06 6.55 -23.64
C ARG A 56 -3.47 6.55 -24.12
N THR A 57 -3.72 6.26 -25.40
CA THR A 57 -5.09 6.30 -25.93
C THR A 57 -5.71 4.92 -26.13
N ILE A 58 -7.02 4.81 -25.81
CA ILE A 58 -7.86 3.61 -25.95
C ILE A 58 -8.97 3.95 -26.92
N PHE A 59 -9.28 3.03 -27.83
CA PHE A 59 -10.36 3.25 -28.78
C PHE A 59 -11.53 2.29 -28.47
N ASP A 60 -12.57 2.83 -27.81
CA ASP A 60 -13.75 2.05 -27.44
C ASP A 60 -14.75 2.06 -28.60
N ILE A 61 -14.63 1.10 -29.50
CA ILE A 61 -15.45 1.06 -30.70
C ILE A 61 -16.90 0.82 -30.37
N THR A 62 -17.15 -0.06 -29.41
CA THR A 62 -18.50 -0.39 -28.99
C THR A 62 -19.21 0.78 -28.28
N ASN A 63 -18.45 1.72 -27.70
CA ASN A 63 -19.05 2.85 -27.03
C ASN A 63 -18.92 4.12 -27.86
N ASN A 64 -19.88 4.37 -28.78
CA ASN A 64 -19.90 5.61 -29.53
C ASN A 64 -18.56 6.09 -30.12
N LEU A 65 -17.73 5.13 -30.56
CA LEU A 65 -16.42 5.37 -31.16
C LEU A 65 -15.58 6.36 -30.34
N SER A 66 -15.68 6.25 -29.01
CA SER A 66 -15.00 7.14 -28.07
C SER A 66 -13.52 6.86 -27.94
N ILE A 67 -12.80 7.89 -27.54
CA ILE A 67 -11.38 7.76 -27.27
C ILE A 67 -11.09 8.15 -25.84
N MET A 68 -10.35 7.30 -25.15
CA MET A 68 -9.99 7.54 -23.77
C MET A 68 -8.55 7.92 -23.66
N ILE A 69 -8.27 9.00 -22.96
CA ILE A 69 -6.91 9.44 -22.78
C ILE A 69 -6.55 9.31 -21.33
N LEU A 70 -5.71 8.32 -21.03
CA LEU A 70 -5.31 8.10 -19.65
C LEU A 70 -4.20 9.08 -19.25
N GLY A 71 -4.17 9.44 -17.96
CA GLY A 71 -3.17 10.32 -17.37
C GLY A 71 -3.04 11.68 -18.01
N LEU A 72 -4.15 12.43 -18.04
CA LEU A 72 -4.18 13.75 -18.65
C LEU A 72 -3.08 14.68 -18.19
N ARG A 73 -2.43 15.29 -19.17
CA ARG A 73 -1.41 16.32 -18.97
C ARG A 73 -1.89 17.58 -19.73
N PRO A 74 -1.39 18.78 -19.39
CA PRO A 74 -1.87 19.99 -20.10
C PRO A 74 -1.69 19.94 -21.61
N SER A 75 -0.76 19.11 -22.10
CA SER A 75 -0.53 18.90 -23.54
C SER A 75 -1.80 18.36 -24.23
N ASP A 76 -2.51 17.44 -23.56
CA ASP A 76 -3.71 16.79 -24.10
C ASP A 76 -4.84 17.73 -24.43
N GLU A 77 -4.85 18.94 -23.85
CA GLU A 77 -5.84 20.00 -24.10
C GLU A 77 -5.82 20.37 -25.58
N GLY A 78 -6.98 20.50 -26.19
CA GLY A 78 -7.07 20.87 -27.60
C GLY A 78 -8.40 20.51 -28.23
N THR A 79 -8.57 20.78 -29.53
CA THR A 79 -9.83 20.42 -30.21
C THR A 79 -9.72 19.07 -30.90
N TYR A 80 -10.69 18.20 -30.65
CA TYR A 80 -10.71 16.88 -31.24
C TYR A 80 -11.86 16.75 -32.24
N GLU A 81 -11.57 16.09 -33.35
CA GLU A 81 -12.51 15.92 -34.44
C GLU A 81 -12.64 14.44 -34.84
N CYS A 82 -13.86 13.93 -34.81
CA CYS A 82 -14.15 12.56 -35.22
C CYS A 82 -14.98 12.57 -36.51
N VAL A 83 -14.57 11.74 -37.49
CA VAL A 83 -15.22 11.68 -38.80
C VAL A 83 -15.63 10.27 -39.14
N VAL A 84 -16.80 10.14 -39.73
CA VAL A 84 -17.28 8.84 -40.18
C VAL A 84 -17.54 8.84 -41.68
N LEU A 85 -17.19 7.75 -42.35
CA LEU A 85 -17.39 7.63 -43.77
C LEU A 85 -17.91 6.28 -44.09
N LYS A 86 -19.15 6.20 -44.57
CA LYS A 86 -19.71 4.94 -44.96
C LYS A 86 -19.63 4.75 -46.49
N TYR A 87 -19.06 3.63 -46.92
CA TYR A 87 -18.97 3.27 -48.34
C TYR A 87 -20.37 2.96 -48.82
N GLU A 88 -20.78 3.57 -49.92
CA GLU A 88 -22.09 3.32 -50.50
C GLU A 88 -21.91 3.35 -52.00
N LYS A 89 -22.35 2.28 -52.70
CA LYS A 89 -22.27 2.08 -54.16
C LYS A 89 -20.90 2.50 -54.79
N GLY A 90 -20.70 3.78 -55.09
CA GLY A 90 -19.42 4.22 -55.62
C GLY A 90 -18.23 4.16 -54.66
N ALA A 91 -18.08 5.23 -53.86
CA ALA A 91 -16.99 5.34 -52.92
C ALA A 91 -17.53 5.78 -51.48
N PHE A 92 -16.69 6.33 -50.56
CA PHE A 92 -17.02 6.71 -49.20
C PHE A 92 -17.57 8.11 -49.06
N LYS A 93 -18.79 8.23 -48.55
CA LYS A 93 -19.45 9.50 -48.33
C LYS A 93 -19.37 9.87 -46.83
N ARG A 94 -19.22 11.18 -46.49
CA ARG A 94 -19.15 11.59 -45.09
C ARG A 94 -20.51 11.38 -44.44
N GLU A 95 -20.50 10.70 -43.29
CA GLU A 95 -21.69 10.37 -42.54
C GLU A 95 -21.86 11.19 -41.27
N HIS A 96 -20.77 11.52 -40.60
CA HIS A 96 -20.84 12.18 -39.32
C HIS A 96 -19.58 12.92 -38.95
N LEU A 97 -19.76 14.07 -38.30
CA LEU A 97 -18.65 14.86 -37.78
C LEU A 97 -18.92 15.18 -36.32
N ALA A 98 -17.90 15.00 -35.48
CA ALA A 98 -18.01 15.27 -34.06
C ALA A 98 -16.88 16.18 -33.66
N GLU A 99 -17.19 17.27 -32.95
CA GLU A 99 -16.17 18.18 -32.49
C GLU A 99 -16.28 18.28 -30.97
N VAL A 100 -15.14 18.23 -30.29
CA VAL A 100 -15.12 18.28 -28.84
C VAL A 100 -13.80 18.84 -28.35
N THR A 101 -13.87 19.95 -27.59
CA THR A 101 -12.65 20.55 -27.08
C THR A 101 -12.35 20.19 -25.64
N LEU A 102 -11.15 19.68 -25.44
CA LEU A 102 -10.67 19.34 -24.13
C LEU A 102 -9.96 20.47 -23.45
N SER A 103 -10.35 20.76 -22.21
CA SER A 103 -9.70 21.75 -21.36
C SER A 103 -9.19 20.99 -20.13
N VAL A 104 -7.88 20.71 -20.07
CA VAL A 104 -7.16 20.06 -18.97
C VAL A 104 -6.76 21.13 -17.96
N LYS A 105 -7.30 21.08 -16.74
CA LYS A 105 -6.99 22.09 -15.74
C LYS A 105 -6.35 21.50 -14.47
N ALA A 106 -5.68 22.36 -13.67
CA ALA A 106 -5.03 21.94 -12.41
C ALA A 106 -5.98 21.22 -11.40
N PHE B 1 -0.76 -3.70 -27.45
CA PHE B 1 -0.83 -3.85 -25.99
C PHE B 1 -2.22 -4.35 -25.63
N THR B 2 -2.30 -5.39 -24.80
CA THR B 2 -3.58 -5.97 -24.41
C THR B 2 -3.65 -6.27 -22.91
N VAL B 3 -4.71 -5.80 -22.26
CA VAL B 3 -4.99 -6.07 -20.85
C VAL B 3 -5.84 -7.34 -20.82
N THR B 4 -5.56 -8.23 -19.86
CA THR B 4 -6.25 -9.51 -19.75
C THR B 4 -6.71 -9.76 -18.33
N VAL B 5 -7.74 -10.62 -18.17
CA VAL B 5 -8.24 -10.97 -16.86
C VAL B 5 -8.34 -12.49 -16.71
N PRO B 6 -7.92 -13.02 -15.55
CA PRO B 6 -8.02 -14.47 -15.32
C PRO B 6 -9.50 -14.85 -15.17
N LYS B 7 -10.21 -14.10 -14.34
CA LYS B 7 -11.63 -14.25 -14.12
C LYS B 7 -12.30 -12.95 -14.54
N ASP B 8 -13.38 -13.06 -15.32
CA ASP B 8 -14.23 -11.92 -15.69
C ASP B 8 -15.39 -11.74 -14.68
N LEU B 9 -15.58 -12.68 -13.74
CA LEU B 9 -16.62 -12.66 -12.74
C LEU B 9 -16.09 -13.23 -11.43
N TYR B 10 -16.33 -12.50 -10.32
CA TYR B 10 -15.94 -12.94 -9.00
C TYR B 10 -17.20 -13.00 -8.14
N VAL B 11 -17.45 -14.13 -7.49
CA VAL B 11 -18.59 -14.26 -6.57
C VAL B 11 -18.00 -14.45 -5.19
N VAL B 12 -18.19 -13.42 -4.38
CA VAL B 12 -17.53 -13.26 -3.10
C VAL B 12 -18.46 -13.31 -1.90
N GLU B 13 -18.00 -13.94 -0.82
CA GLU B 13 -18.75 -14.02 0.42
C GLU B 13 -18.63 -12.69 1.18
N TYR B 14 -19.75 -12.13 1.65
CA TYR B 14 -19.80 -10.91 2.44
C TYR B 14 -18.83 -11.01 3.64
N GLY B 15 -18.02 -9.98 3.88
CA GLY B 15 -17.05 -9.99 4.96
C GLY B 15 -15.67 -10.51 4.56
N SER B 16 -15.57 -11.11 3.36
CA SER B 16 -14.37 -11.69 2.77
C SER B 16 -13.32 -10.61 2.35
N ASN B 17 -12.13 -11.05 1.95
CA ASN B 17 -11.02 -10.25 1.46
C ASN B 17 -10.85 -10.67 0.01
N MET B 18 -11.20 -9.81 -0.93
CA MET B 18 -11.18 -10.12 -2.35
C MET B 18 -10.14 -9.33 -3.11
N THR B 19 -9.46 -10.00 -4.03
CA THR B 19 -8.48 -9.35 -4.88
C THR B 19 -8.84 -9.67 -6.32
N ILE B 20 -9.12 -8.62 -7.08
CA ILE B 20 -9.45 -8.77 -8.49
C ILE B 20 -8.25 -8.28 -9.30
N GLU B 21 -7.89 -9.05 -10.32
CA GLU B 21 -6.69 -8.80 -11.07
C GLU B 21 -6.88 -8.54 -12.53
N CYS B 22 -6.00 -7.65 -13.07
CA CYS B 22 -5.86 -7.25 -14.47
C CYS B 22 -4.39 -7.42 -14.84
N LYS B 23 -4.11 -8.21 -15.86
CA LYS B 23 -2.74 -8.45 -16.26
C LYS B 23 -2.38 -7.66 -17.51
N PHE B 24 -1.16 -7.19 -17.55
CA PHE B 24 -0.65 -6.37 -18.65
C PHE B 24 0.82 -6.72 -18.89
N PRO B 25 1.31 -6.59 -20.13
CA PRO B 25 2.68 -7.01 -20.42
C PRO B 25 3.80 -6.17 -19.82
N VAL B 26 4.80 -6.85 -19.23
CA VAL B 26 5.99 -6.25 -18.63
C VAL B 26 7.23 -7.00 -19.14
N GLU B 27 8.24 -6.28 -19.64
CA GLU B 27 9.44 -6.93 -20.16
C GLU B 27 10.70 -6.63 -19.35
N LYS B 28 11.23 -7.67 -18.66
CA LYS B 28 12.43 -7.60 -17.81
C LYS B 28 12.22 -6.63 -16.62
N GLN B 29 12.33 -5.30 -16.82
CA GLN B 29 12.12 -4.35 -15.72
C GLN B 29 10.83 -3.56 -15.86
N LEU B 30 10.31 -3.06 -14.75
CA LEU B 30 9.10 -2.26 -14.74
C LEU B 30 9.47 -0.77 -14.66
N ASP B 31 9.15 0.01 -15.71
CA ASP B 31 9.40 1.44 -15.70
C ASP B 31 8.22 2.07 -15.02
N LEU B 32 8.39 2.37 -13.74
CA LEU B 32 7.38 2.98 -12.91
C LEU B 32 6.88 4.32 -13.48
N ALA B 33 7.77 5.10 -14.09
CA ALA B 33 7.42 6.38 -14.65
C ALA B 33 6.49 6.30 -15.88
N ALA B 34 6.46 5.16 -16.56
CA ALA B 34 5.62 4.98 -17.74
C ALA B 34 4.31 4.25 -17.43
N LEU B 35 4.03 3.98 -16.15
CA LEU B 35 2.86 3.22 -15.79
C LEU B 35 1.66 4.03 -15.31
N ILE B 36 0.49 3.75 -15.85
CA ILE B 36 -0.76 4.37 -15.42
C ILE B 36 -1.75 3.26 -15.17
N VAL B 37 -2.35 3.23 -13.99
CA VAL B 37 -3.34 2.23 -13.63
C VAL B 37 -4.50 2.94 -12.93
N TYR B 38 -5.71 2.71 -13.41
CA TYR B 38 -6.91 3.23 -12.76
C TYR B 38 -7.82 2.06 -12.46
N TRP B 39 -8.45 2.06 -11.28
CA TRP B 39 -9.46 1.08 -10.93
C TRP B 39 -10.69 1.85 -10.57
N GLU B 40 -11.81 1.51 -11.17
CA GLU B 40 -13.06 2.17 -10.85
C GLU B 40 -14.19 1.17 -10.83
N MET B 41 -15.30 1.54 -10.21
CA MET B 41 -16.47 0.70 -10.19
C MET B 41 -17.65 1.57 -10.55
N GLU B 42 -18.16 1.38 -11.78
CA GLU B 42 -19.26 2.15 -12.34
C GLU B 42 -18.95 3.64 -12.29
N ASP B 43 -19.52 4.37 -11.32
CA ASP B 43 -19.28 5.80 -11.21
C ASP B 43 -18.27 6.22 -10.12
N LYS B 44 -17.78 5.25 -9.35
CA LYS B 44 -16.87 5.49 -8.23
C LYS B 44 -15.39 5.30 -8.56
N ASN B 45 -14.55 6.26 -8.21
CA ASN B 45 -13.11 6.13 -8.42
C ASN B 45 -12.46 5.37 -7.27
N ILE B 46 -11.70 4.32 -7.59
CA ILE B 46 -11.05 3.54 -6.55
C ILE B 46 -9.57 3.82 -6.50
N ILE B 47 -8.86 3.61 -7.61
CA ILE B 47 -7.42 3.79 -7.66
C ILE B 47 -7.04 4.70 -8.79
N GLN B 48 -6.08 5.62 -8.54
CA GLN B 48 -5.49 6.48 -9.55
C GLN B 48 -4.01 6.42 -9.34
N PHE B 49 -3.33 5.66 -10.19
CA PHE B 49 -1.91 5.49 -10.09
C PHE B 49 -1.30 5.97 -11.36
N VAL B 50 -0.79 7.21 -11.43
CA VAL B 50 -0.18 7.66 -12.67
C VAL B 50 1.29 7.91 -12.45
N HIS B 51 2.12 7.30 -13.31
CA HIS B 51 3.56 7.40 -13.31
C HIS B 51 4.16 7.18 -11.93
N GLY B 52 3.72 6.13 -11.25
CA GLY B 52 4.25 5.82 -9.92
C GLY B 52 3.77 6.67 -8.77
N GLU B 53 2.73 7.48 -8.99
CA GLU B 53 2.19 8.35 -7.95
C GLU B 53 0.73 8.03 -7.73
N GLU B 54 0.39 7.63 -6.52
CA GLU B 54 -0.99 7.27 -6.19
C GLU B 54 -1.66 8.42 -5.47
N ASP B 55 -2.81 8.89 -5.99
CA ASP B 55 -3.55 9.93 -5.27
C ASP B 55 -4.65 9.26 -4.46
N LEU B 56 -4.68 9.58 -3.18
CA LEU B 56 -5.65 9.02 -2.27
C LEU B 56 -6.91 9.88 -2.17
N LYS B 57 -6.75 11.18 -2.37
CA LYS B 57 -7.86 12.12 -2.34
C LYS B 57 -8.90 11.81 -3.44
N VAL B 58 -8.49 11.17 -4.54
CA VAL B 58 -9.36 10.79 -5.64
C VAL B 58 -10.27 9.59 -5.29
N GLN B 59 -9.84 8.74 -4.34
CA GLN B 59 -10.59 7.53 -3.96
C GLN B 59 -11.91 7.82 -3.28
N HIS B 60 -12.94 7.13 -3.73
CA HIS B 60 -14.28 7.28 -3.21
C HIS B 60 -14.36 6.94 -1.75
N SER B 61 -15.15 7.71 -1.02
CA SER B 61 -15.38 7.56 0.42
C SER B 61 -15.80 6.13 0.84
N SER B 62 -16.67 5.47 0.06
CA SER B 62 -17.12 4.11 0.41
C SER B 62 -15.99 3.06 0.43
N TYR B 63 -14.87 3.35 -0.23
CA TYR B 63 -13.76 2.41 -0.33
C TYR B 63 -12.60 2.71 0.59
N ARG B 64 -12.58 3.87 1.25
CA ARG B 64 -11.50 4.25 2.16
C ARG B 64 -11.27 3.19 3.24
N GLN B 65 -10.00 2.91 3.58
CA GLN B 65 -9.60 1.92 4.57
C GLN B 65 -9.75 0.48 4.12
N ARG B 66 -10.36 0.23 2.94
CA ARG B 66 -10.61 -1.14 2.51
C ARG B 66 -9.97 -1.50 1.19
N ALA B 67 -9.79 -0.53 0.30
CA ALA B 67 -9.23 -0.81 -1.02
C ALA B 67 -7.81 -0.35 -1.18
N ARG B 68 -6.97 -1.20 -1.79
CA ARG B 68 -5.58 -0.85 -2.06
C ARG B 68 -5.02 -1.57 -3.31
N LEU B 69 -4.13 -0.90 -4.04
CA LEU B 69 -3.51 -1.50 -5.21
C LEU B 69 -2.20 -2.14 -4.74
N LEU B 70 -2.03 -3.42 -5.04
CA LEU B 70 -0.84 -4.15 -4.62
C LEU B 70 0.29 -3.85 -5.60
N LYS B 71 1.15 -2.91 -5.19
CA LYS B 71 2.26 -2.43 -6.03
C LYS B 71 3.35 -3.47 -6.25
N ASP B 72 3.41 -4.48 -5.38
CA ASP B 72 4.36 -5.59 -5.54
C ASP B 72 4.03 -6.44 -6.77
N GLN B 73 2.75 -6.50 -7.12
CA GLN B 73 2.31 -7.25 -8.26
C GLN B 73 2.61 -6.54 -9.57
N LEU B 74 2.65 -5.21 -9.56
CA LEU B 74 2.90 -4.41 -10.76
C LEU B 74 4.16 -4.84 -11.47
N SER B 75 5.19 -5.20 -10.69
CA SER B 75 6.48 -5.70 -11.19
C SER B 75 6.28 -6.95 -12.09
N LEU B 76 5.32 -7.80 -11.70
CA LEU B 76 4.94 -9.04 -12.38
C LEU B 76 3.91 -8.85 -13.49
N GLY B 77 3.50 -7.62 -13.75
CA GLY B 77 2.54 -7.35 -14.80
C GLY B 77 1.12 -7.63 -14.38
N ASN B 78 0.85 -7.46 -13.06
CA ASN B 78 -0.44 -7.68 -12.46
C ASN B 78 -0.91 -6.47 -11.65
N ALA B 79 -2.00 -5.83 -12.09
CA ALA B 79 -2.62 -4.72 -11.38
C ALA B 79 -3.68 -5.39 -10.50
N ALA B 80 -3.35 -5.62 -9.22
CA ALA B 80 -4.25 -6.31 -8.32
C ALA B 80 -4.92 -5.35 -7.34
N LEU B 81 -6.25 -5.29 -7.41
CA LEU B 81 -7.01 -4.47 -6.49
C LEU B 81 -7.50 -5.37 -5.35
N GLN B 82 -7.06 -5.06 -4.12
CA GLN B 82 -7.50 -5.81 -2.96
C GLN B 82 -8.48 -4.98 -2.17
N ILE B 83 -9.64 -5.56 -1.91
CA ILE B 83 -10.69 -4.97 -1.09
C ILE B 83 -10.86 -5.89 0.10
N THR B 84 -10.64 -5.37 1.28
CA THR B 84 -10.76 -6.16 2.51
C THR B 84 -12.10 -5.87 3.15
N ASP B 85 -12.71 -6.90 3.80
CA ASP B 85 -14.00 -6.76 4.48
C ASP B 85 -15.07 -6.31 3.47
N VAL B 86 -15.30 -7.15 2.45
CA VAL B 86 -16.19 -6.83 1.35
C VAL B 86 -17.63 -6.64 1.81
N LYS B 87 -18.26 -5.55 1.35
CA LYS B 87 -19.63 -5.20 1.68
C LYS B 87 -20.56 -5.55 0.50
N LEU B 88 -21.88 -5.56 0.73
CA LEU B 88 -22.86 -5.72 -0.34
C LEU B 88 -22.71 -4.59 -1.33
N GLN B 89 -22.32 -3.39 -0.85
CA GLN B 89 -22.11 -2.21 -1.68
C GLN B 89 -21.01 -2.43 -2.75
N ASP B 90 -20.12 -3.40 -2.52
CA ASP B 90 -19.05 -3.70 -3.48
C ASP B 90 -19.46 -4.53 -4.66
N ALA B 91 -20.71 -4.98 -4.71
CA ALA B 91 -21.18 -5.70 -5.86
C ALA B 91 -21.34 -4.67 -6.99
N GLY B 92 -20.91 -5.05 -8.20
CA GLY B 92 -20.97 -4.13 -9.33
C GLY B 92 -19.94 -4.44 -10.40
N VAL B 93 -19.86 -3.57 -11.38
CA VAL B 93 -18.94 -3.75 -12.50
C VAL B 93 -17.71 -2.90 -12.37
N TYR B 94 -16.60 -3.55 -12.02
CA TYR B 94 -15.28 -2.94 -11.90
C TYR B 94 -14.62 -2.80 -13.28
N ARG B 95 -13.67 -1.90 -13.41
CA ARG B 95 -12.97 -1.69 -14.66
C ARG B 95 -11.60 -1.16 -14.40
N CYS B 96 -10.59 -1.80 -15.00
CA CYS B 96 -9.22 -1.35 -14.86
C CYS B 96 -8.81 -0.70 -16.18
N MET B 97 -8.08 0.41 -16.11
CA MET B 97 -7.59 1.08 -17.32
C MET B 97 -6.12 1.18 -17.13
N ILE B 98 -5.35 0.59 -18.04
CA ILE B 98 -3.91 0.53 -17.87
C ILE B 98 -3.17 1.09 -19.06
N SER B 99 -2.10 1.85 -18.81
CA SER B 99 -1.26 2.41 -19.85
C SER B 99 0.21 2.10 -19.52
N TYR B 100 0.87 1.35 -20.37
CA TYR B 100 2.27 1.01 -20.19
C TYR B 100 2.79 0.54 -21.56
N GLY B 101 3.19 1.47 -22.38
CA GLY B 101 3.61 1.16 -23.75
C GLY B 101 2.40 0.81 -24.60
N GLY B 102 1.33 1.55 -24.42
CA GLY B 102 0.05 1.28 -25.05
C GLY B 102 -1.02 1.22 -23.97
N ALA B 103 -2.29 1.31 -24.36
CA ALA B 103 -3.39 1.32 -23.39
C ALA B 103 -4.52 0.39 -23.73
N ASP B 104 -5.20 -0.12 -22.69
CA ASP B 104 -6.34 -1.02 -22.81
C ASP B 104 -7.12 -1.07 -21.49
N TYR B 105 -8.33 -1.63 -21.52
CA TYR B 105 -9.12 -1.77 -20.32
C TYR B 105 -9.90 -3.08 -20.31
N LYS B 106 -10.22 -3.56 -19.10
CA LYS B 106 -11.05 -4.74 -18.95
C LYS B 106 -12.07 -4.53 -17.84
N ARG B 107 -13.24 -5.16 -17.98
CA ARG B 107 -14.30 -5.05 -16.98
C ARG B 107 -14.49 -6.37 -16.24
N ILE B 108 -14.68 -6.28 -14.92
CA ILE B 108 -14.89 -7.43 -14.03
C ILE B 108 -16.22 -7.26 -13.33
N TPO B 109 -17.05 -8.28 -13.28
CA TPO B 109 -18.30 -8.18 -12.56
CB TPO B 109 -19.37 -8.91 -13.36
CG2 TPO B 109 -20.64 -8.87 -12.53
OG1 TPO B 109 -19.53 -8.37 -14.76
P TPO B 109 -18.98 -9.18 -16.17
O1P TPO B 109 -17.52 -9.65 -16.21
O2P TPO B 109 -18.71 -8.23 -17.43
O3P TPO B 109 -19.82 -10.52 -16.41
C TPO B 109 -18.04 -8.84 -11.23
O TPO B 109 -17.43 -9.90 -11.18
N VAL B 110 -18.46 -8.19 -10.14
CA VAL B 110 -18.35 -8.74 -8.80
C VAL B 110 -19.76 -8.90 -8.23
N LYS B 111 -20.07 -10.10 -7.69
CA LYS B 111 -21.34 -10.41 -7.05
C LYS B 111 -21.06 -10.78 -5.61
N VAL B 112 -21.68 -10.06 -4.66
CA VAL B 112 -21.48 -10.32 -3.22
C VAL B 112 -22.63 -11.14 -2.65
N ASN B 113 -22.29 -12.29 -2.03
CA ASN B 113 -23.22 -13.21 -1.41
C ASN B 113 -23.22 -13.02 0.11
N ALA B 114 -24.40 -12.73 0.71
CA ALA B 114 -24.54 -12.53 2.14
C ALA B 114 -25.45 -13.60 2.74
N PRO B 115 -24.90 -14.80 2.99
CA PRO B 115 -25.73 -15.86 3.55
C PRO B 115 -25.92 -15.71 5.06
N TYR B 116 -26.92 -16.42 5.60
CA TYR B 116 -27.16 -16.42 7.02
C TYR B 116 -26.36 -17.61 7.55
N ASN B 117 -25.05 -17.51 7.40
CA ASN B 117 -24.06 -18.51 7.72
C ASN B 117 -23.65 -18.51 9.16
N LYS B 118 -23.50 -17.33 9.74
CA LYS B 118 -23.05 -17.19 11.10
C LYS B 118 -24.26 -16.99 12.00
N ILE B 119 -24.80 -18.10 12.51
CA ILE B 119 -25.97 -18.12 13.36
C ILE B 119 -25.53 -18.11 14.81
N ASN B 120 -25.99 -17.12 15.57
CA ASN B 120 -25.70 -16.98 17.00
C ASN B 120 -26.86 -17.52 17.76
N GLN B 121 -26.61 -18.43 18.71
CA GLN B 121 -27.67 -19.05 19.46
C GLN B 121 -27.57 -18.85 20.96
N ARG B 122 -28.71 -18.88 21.64
CA ARG B 122 -28.74 -18.71 23.07
C ARG B 122 -29.86 -19.54 23.66
N ILE B 123 -29.53 -20.36 24.65
CA ILE B 123 -30.52 -21.20 25.31
C ILE B 123 -30.60 -20.76 26.74
N LEU B 124 -31.77 -20.30 27.18
CA LEU B 124 -31.92 -19.83 28.55
C LEU B 124 -33.03 -20.51 29.29
N VAL B 125 -32.83 -20.78 30.58
CA VAL B 125 -33.87 -21.39 31.41
C VAL B 125 -34.76 -20.26 31.90
N VAL B 126 -36.04 -20.29 31.55
CA VAL B 126 -36.97 -19.25 31.95
C VAL B 126 -37.53 -19.59 33.33
N ASP B 127 -37.95 -20.85 33.53
CA ASP B 127 -38.53 -21.33 34.77
C ASP B 127 -38.20 -22.81 34.94
N PRO B 128 -37.29 -23.14 35.87
CA PRO B 128 -36.90 -24.54 36.07
C PRO B 128 -37.97 -25.43 36.69
N VAL B 129 -38.96 -24.84 37.38
CA VAL B 129 -40.03 -25.64 37.98
C VAL B 129 -40.87 -26.29 36.88
N THR B 130 -41.19 -25.51 35.83
CA THR B 130 -41.96 -25.99 34.68
C THR B 130 -41.08 -26.41 33.49
N SER B 131 -39.74 -26.33 33.64
CA SER B 131 -38.72 -26.63 32.63
C SER B 131 -38.91 -25.80 31.35
N GLU B 132 -39.43 -24.57 31.49
CA GLU B 132 -39.61 -23.70 30.34
C GLU B 132 -38.27 -23.09 29.92
N HIS B 133 -37.97 -23.15 28.63
CA HIS B 133 -36.74 -22.58 28.11
C HIS B 133 -37.06 -21.57 27.00
N GLU B 134 -36.13 -20.63 26.78
CA GLU B 134 -36.27 -19.66 25.72
C GLU B 134 -35.05 -19.83 24.82
N LEU B 135 -35.29 -20.21 23.56
CA LEU B 135 -34.24 -20.44 22.58
C LEU B 135 -34.20 -19.29 21.57
N THR B 136 -33.01 -18.80 21.26
CA THR B 136 -32.86 -17.68 20.34
C THR B 136 -31.85 -18.00 19.25
N CYS B 137 -32.15 -17.61 18.02
CA CYS B 137 -31.26 -17.76 16.87
C CYS B 137 -31.21 -16.40 16.18
N GLN B 138 -30.00 -15.91 15.87
CA GLN B 138 -29.85 -14.62 15.22
C GLN B 138 -28.76 -14.67 14.19
N ALA B 139 -29.05 -14.18 12.99
CA ALA B 139 -28.07 -14.14 11.92
C ALA B 139 -28.37 -12.96 11.01
N GLU B 140 -27.34 -12.49 10.31
CA GLU B 140 -27.44 -11.39 9.36
C GLU B 140 -27.16 -11.90 7.97
N GLY B 141 -27.96 -11.42 7.03
CA GLY B 141 -27.81 -11.80 5.64
C GLY B 141 -28.64 -10.95 4.70
N TYR B 142 -28.64 -11.34 3.46
CA TYR B 142 -29.39 -10.64 2.44
C TYR B 142 -29.79 -11.65 1.35
N PRO B 143 -31.05 -11.60 0.90
CA PRO B 143 -32.13 -10.70 1.34
C PRO B 143 -32.80 -11.16 2.64
N LYS B 144 -34.07 -10.77 2.88
CA LYS B 144 -34.78 -11.17 4.10
C LYS B 144 -34.93 -12.69 4.17
N ALA B 145 -34.90 -13.24 5.38
CA ALA B 145 -35.07 -14.67 5.57
C ALA B 145 -36.02 -14.92 6.69
N GLU B 146 -36.85 -15.95 6.54
CA GLU B 146 -37.78 -16.33 7.60
C GLU B 146 -37.10 -17.33 8.50
N VAL B 147 -37.52 -17.41 9.78
CA VAL B 147 -36.95 -18.41 10.67
C VAL B 147 -37.98 -19.50 10.93
N ILE B 148 -37.56 -20.76 10.81
CA ILE B 148 -38.43 -21.91 11.02
C ILE B 148 -37.87 -22.77 12.15
N TRP B 149 -38.68 -23.02 13.17
CA TRP B 149 -38.26 -23.85 14.28
C TRP B 149 -38.78 -25.27 14.12
N THR B 150 -37.91 -26.27 14.33
CA THR B 150 -38.35 -27.66 14.28
C THR B 150 -37.89 -28.43 15.49
N SER B 151 -38.72 -29.37 15.92
CA SER B 151 -38.44 -30.24 17.04
C SER B 151 -37.42 -31.31 16.64
N SER B 152 -37.03 -32.19 17.57
CA SER B 152 -36.12 -33.32 17.30
C SER B 152 -36.65 -34.18 16.12
N ASP B 153 -37.99 -34.43 16.15
CA ASP B 153 -38.73 -35.21 15.17
C ASP B 153 -39.23 -34.42 13.95
N HIS B 154 -38.59 -33.27 13.66
CA HIS B 154 -38.83 -32.41 12.50
C HIS B 154 -40.23 -31.74 12.39
N GLN B 155 -40.98 -31.61 13.49
CA GLN B 155 -42.27 -30.94 13.46
C GLN B 155 -42.05 -29.46 13.74
N VAL B 156 -42.73 -28.58 12.98
CA VAL B 156 -42.58 -27.12 13.11
C VAL B 156 -43.22 -26.58 14.41
N LEU B 157 -42.52 -25.62 15.04
CA LEU B 157 -42.89 -25.01 16.31
C LEU B 157 -42.99 -23.51 16.14
N SER B 158 -43.97 -22.89 16.78
CA SER B 158 -44.18 -21.45 16.68
C SER B 158 -43.20 -20.58 17.48
N GLY B 159 -42.55 -19.66 16.77
CA GLY B 159 -41.62 -18.70 17.35
C GLY B 159 -41.99 -17.26 17.07
N LYS B 160 -41.15 -16.31 17.51
CA LYS B 160 -41.34 -14.87 17.31
C LYS B 160 -40.12 -14.28 16.59
N THR B 161 -40.30 -13.89 15.33
CA THR B 161 -39.20 -13.40 14.52
C THR B 161 -39.23 -11.90 14.32
N THR B 162 -38.12 -11.23 14.58
CA THR B 162 -37.98 -9.78 14.35
C THR B 162 -36.93 -9.50 13.28
N THR B 163 -37.34 -8.78 12.23
CA THR B 163 -36.45 -8.44 11.15
C THR B 163 -36.25 -6.96 11.06
N THR B 164 -35.00 -6.53 11.22
CA THR B 164 -34.57 -5.14 11.15
C THR B 164 -33.37 -5.05 10.17
N ASN B 165 -32.89 -3.85 9.87
CA ASN B 165 -31.69 -3.71 9.04
C ASN B 165 -30.47 -3.73 9.95
N SER B 166 -29.41 -4.28 9.43
CA SER B 166 -28.15 -4.39 10.11
C SER B 166 -27.57 -2.99 10.37
N LYS B 167 -26.88 -2.79 11.51
CA LYS B 167 -26.23 -1.50 11.76
C LYS B 167 -24.91 -1.38 10.97
N ARG B 168 -24.24 -2.52 10.71
CA ARG B 168 -23.01 -2.58 9.94
C ARG B 168 -23.17 -2.06 8.49
N GLU B 169 -24.26 -2.47 7.83
CA GLU B 169 -24.53 -2.04 6.47
C GLU B 169 -26.04 -1.94 6.30
N GLU B 170 -26.52 -0.78 5.85
CA GLU B 170 -27.93 -0.50 5.73
C GLU B 170 -28.73 -1.48 4.85
N LYS B 171 -28.10 -2.05 3.81
CA LYS B 171 -28.79 -3.01 2.92
C LYS B 171 -29.08 -4.36 3.60
N LEU B 172 -28.10 -4.82 4.41
CA LEU B 172 -28.08 -6.10 5.13
C LEU B 172 -29.22 -6.23 6.18
N PHE B 173 -29.76 -7.43 6.41
CA PHE B 173 -30.82 -7.60 7.41
C PHE B 173 -30.29 -8.33 8.63
N ASN B 174 -30.88 -8.06 9.79
CA ASN B 174 -30.56 -8.69 11.05
C ASN B 174 -31.86 -9.41 11.47
N VAL B 175 -31.86 -10.73 11.37
CA VAL B 175 -33.03 -11.53 11.69
C VAL B 175 -32.81 -12.31 12.99
N THR B 176 -33.69 -12.09 13.99
CA THR B 176 -33.62 -12.76 15.30
C THR B 176 -34.94 -13.45 15.58
N SER B 177 -34.92 -14.70 15.99
CA SER B 177 -36.13 -15.44 16.30
C SER B 177 -36.04 -16.08 17.67
N THR B 178 -37.16 -16.15 18.39
CA THR B 178 -37.20 -16.71 19.74
C THR B 178 -38.30 -17.74 19.89
N LEU B 179 -37.95 -18.89 20.42
CA LEU B 179 -38.89 -19.98 20.67
C LEU B 179 -38.98 -20.25 22.16
N ARG B 180 -40.19 -20.25 22.70
CA ARG B 180 -40.39 -20.57 24.09
C ARG B 180 -41.06 -21.92 24.16
N ILE B 181 -40.42 -22.87 24.86
CA ILE B 181 -40.94 -24.22 24.93
C ILE B 181 -40.58 -24.89 26.25
N ASN B 182 -41.51 -25.70 26.79
CA ASN B 182 -41.23 -26.47 27.99
C ASN B 182 -40.51 -27.71 27.46
N THR B 183 -39.22 -27.81 27.74
CA THR B 183 -38.40 -28.88 27.23
C THR B 183 -37.44 -29.45 28.29
N THR B 184 -36.99 -30.67 28.07
CA THR B 184 -36.10 -31.35 29.00
C THR B 184 -34.63 -31.34 28.46
N THR B 185 -33.69 -31.90 29.24
CA THR B 185 -32.29 -31.91 28.86
C THR B 185 -32.00 -32.87 27.70
N ASN B 186 -30.91 -32.57 26.99
CA ASN B 186 -30.34 -33.29 25.85
C ASN B 186 -31.23 -33.36 24.61
N GLU B 187 -32.36 -32.63 24.60
CA GLU B 187 -33.24 -32.57 23.44
C GLU B 187 -32.63 -31.69 22.36
N ILE B 188 -32.87 -32.04 21.10
CA ILE B 188 -32.30 -31.32 19.98
C ILE B 188 -33.37 -30.49 19.23
N PHE B 189 -33.03 -29.24 18.92
CA PHE B 189 -33.91 -28.31 18.21
C PHE B 189 -33.21 -27.71 17.03
N TYR B 190 -33.96 -27.30 16.01
CA TYR B 190 -33.35 -26.70 14.83
C TYR B 190 -33.98 -25.36 14.46
N CYS B 191 -33.16 -24.36 14.16
CA CYS B 191 -33.67 -23.08 13.67
C CYS B 191 -33.14 -22.90 12.26
N THR B 192 -34.04 -22.76 11.29
CA THR B 192 -33.69 -22.64 9.88
C THR B 192 -33.94 -21.25 9.30
N PHE B 193 -32.93 -20.66 8.68
CA PHE B 193 -33.06 -19.35 8.05
C PHE B 193 -33.34 -19.51 6.57
N ARG B 194 -34.63 -19.57 6.21
CA ARG B 194 -35.05 -19.77 4.82
C ARG B 194 -35.12 -18.47 3.99
N ARG B 195 -34.36 -18.43 2.86
CA ARG B 195 -34.33 -17.36 1.87
C ARG B 195 -34.77 -17.97 0.49
N LEU B 196 -35.59 -17.25 -0.28
CA LEU B 196 -36.18 -17.79 -1.51
C LEU B 196 -35.58 -17.29 -2.82
N ASP B 197 -35.97 -17.95 -3.97
CA ASP B 197 -35.57 -17.77 -5.39
C ASP B 197 -34.25 -17.00 -5.59
N PRO B 198 -33.07 -17.68 -5.46
CA PRO B 198 -32.86 -19.12 -5.20
C PRO B 198 -32.96 -19.56 -3.74
N GLU B 199 -33.71 -20.65 -3.53
CA GLU B 199 -33.99 -21.21 -2.21
C GLU B 199 -32.72 -21.71 -1.55
N GLU B 200 -32.45 -21.22 -0.35
CA GLU B 200 -31.23 -21.53 0.39
C GLU B 200 -31.59 -21.56 1.88
N ASN B 201 -31.16 -22.61 2.58
CA ASN B 201 -31.51 -22.83 3.96
C ASN B 201 -30.29 -22.99 4.83
N HIS B 202 -30.23 -22.27 5.94
CA HIS B 202 -29.13 -22.42 6.88
C HIS B 202 -29.70 -22.81 8.23
N THR B 203 -29.35 -24.00 8.73
CA THR B 203 -29.91 -24.48 9.98
C THR B 203 -28.89 -24.62 11.08
N ALA B 204 -29.26 -24.24 12.31
CA ALA B 204 -28.38 -24.41 13.47
C ALA B 204 -29.01 -25.43 14.41
N GLU B 205 -28.20 -26.32 14.98
CA GLU B 205 -28.66 -27.32 15.94
C GLU B 205 -28.48 -26.78 17.37
N LEU B 206 -29.51 -26.85 18.20
CA LEU B 206 -29.45 -26.34 19.56
C LEU B 206 -29.71 -27.49 20.52
N VAL B 207 -28.78 -27.75 21.46
CA VAL B 207 -28.98 -28.84 22.44
C VAL B 207 -29.14 -28.31 23.87
N ILE B 208 -30.26 -28.61 24.51
CA ILE B 208 -30.51 -28.14 25.87
C ILE B 208 -29.61 -28.85 26.88
N PRO B 209 -28.80 -28.09 27.62
CA PRO B 209 -27.92 -28.74 28.62
C PRO B 209 -28.65 -29.09 29.92
N ILE C 2 25.77 27.88 -0.77
CA ILE C 2 25.11 29.13 -1.17
C ILE C 2 24.08 28.86 -2.30
N HIS C 3 24.09 27.67 -2.96
CA HIS C 3 23.12 27.41 -4.05
C HIS C 3 22.51 25.98 -4.02
N VAL C 4 21.45 25.77 -3.23
CA VAL C 4 20.78 24.46 -3.12
C VAL C 4 19.74 24.23 -4.24
N THR C 5 19.84 23.12 -5.00
CA THR C 5 18.86 22.82 -6.02
C THR C 5 18.07 21.59 -5.59
N LYS C 6 16.75 21.69 -5.53
CA LYS C 6 15.90 20.57 -5.12
C LYS C 6 14.72 20.38 -6.11
N GLU C 7 13.97 19.28 -5.98
CA GLU C 7 12.84 19.01 -6.87
C GLU C 7 11.52 19.35 -6.16
N VAL C 8 10.45 19.54 -6.95
CA VAL C 8 9.10 19.84 -6.46
C VAL C 8 8.57 18.65 -5.65
N LYS C 9 7.87 18.94 -4.54
CA LYS C 9 7.32 17.98 -3.61
C LYS C 9 8.36 17.40 -2.63
N GLU C 10 9.61 17.87 -2.65
CA GLU C 10 10.65 17.38 -1.74
C GLU C 10 10.79 18.27 -0.49
N VAL C 11 11.78 17.99 0.36
CA VAL C 11 12.09 18.80 1.54
C VAL C 11 13.42 19.47 1.26
N ALA C 12 13.52 20.77 1.53
CA ALA C 12 14.79 21.46 1.37
C ALA C 12 15.29 21.88 2.73
N THR C 13 16.56 21.62 3.01
CA THR C 13 17.15 22.04 4.27
C THR C 13 18.20 23.06 3.96
N LEU C 14 17.98 24.28 4.42
CA LEU C 14 18.91 25.37 4.16
C LEU C 14 19.62 25.65 5.45
N SER C 15 20.95 25.60 5.42
CA SER C 15 21.78 25.78 6.60
C SER C 15 22.29 27.20 6.82
N CYS C 16 22.37 27.61 8.09
CA CYS C 16 22.91 28.92 8.45
C CYS C 16 24.45 28.90 8.55
N GLY C 17 25.06 27.72 8.65
CA GLY C 17 26.51 27.59 8.79
C GLY C 17 27.04 28.11 10.11
N TYR C 18 26.20 28.04 11.16
CA TYR C 18 26.51 28.56 12.48
C TYR C 18 25.79 27.73 13.54
N ASN C 19 26.53 27.27 14.55
CA ASN C 19 25.96 26.48 15.66
C ASN C 19 25.90 27.35 16.90
N VAL C 20 24.75 27.36 17.58
CA VAL C 20 24.58 28.16 18.79
C VAL C 20 24.19 27.27 19.97
N SER C 21 24.81 27.47 21.14
CA SER C 21 24.47 26.76 22.37
C SER C 21 23.07 27.19 22.83
N VAL C 22 22.39 26.36 23.64
CA VAL C 22 21.03 26.65 24.10
C VAL C 22 20.93 27.96 24.93
N GLU C 23 22.02 28.31 25.62
CA GLU C 23 22.10 29.51 26.44
C GLU C 23 22.11 30.78 25.58
N GLN C 27 19.40 34.05 24.28
CA GLN C 27 20.43 35.03 24.58
C GLN C 27 20.86 35.79 23.34
N THR C 28 20.92 35.10 22.19
CA THR C 28 21.30 35.71 20.90
C THR C 28 20.04 35.90 19.97
N ARG C 29 20.21 36.49 18.76
CA ARG C 29 19.10 36.72 17.84
C ARG C 29 19.32 36.11 16.47
N ILE C 30 18.39 35.24 15.98
CA ILE C 30 18.50 34.62 14.64
C ILE C 30 17.33 35.07 13.73
N TYR C 31 17.67 35.55 12.52
CA TYR C 31 16.73 36.08 11.53
C TYR C 31 16.83 35.32 10.22
N TRP C 32 15.81 34.55 9.87
CA TRP C 32 15.77 33.88 8.58
C TRP C 32 14.76 34.61 7.73
N GLN C 33 15.13 35.03 6.53
CA GLN C 33 14.20 35.69 5.62
C GLN C 33 14.41 35.25 4.18
N LYS C 34 13.37 35.38 3.35
CA LYS C 34 13.41 35.00 1.93
C LYS C 34 13.06 36.19 1.08
N ASP C 35 13.95 36.59 0.16
CA ASP C 35 13.71 37.72 -0.74
C ASP C 35 13.27 38.99 0.00
N LYS C 36 14.00 39.32 1.08
CA LYS C 36 13.76 40.49 1.95
C LYS C 36 12.43 40.45 2.73
N LYS C 37 11.75 39.28 2.74
CA LYS C 37 10.48 39.04 3.43
C LYS C 37 10.79 38.13 4.61
N MET C 38 10.34 38.48 5.83
CA MET C 38 10.63 37.69 7.02
C MET C 38 10.03 36.26 7.02
N VAL C 39 10.84 35.28 7.44
CA VAL C 39 10.43 33.88 7.54
C VAL C 39 10.20 33.52 9.02
N LEU C 40 11.24 33.68 9.87
CA LEU C 40 11.13 33.38 11.30
C LEU C 40 12.15 34.16 12.12
N THR C 41 11.76 34.52 13.36
CA THR C 41 12.59 35.24 14.33
C THR C 41 12.84 34.36 15.56
N MET C 42 14.06 34.43 16.11
CA MET C 42 14.41 33.64 17.28
C MET C 42 15.19 34.51 18.28
N MET C 43 14.55 34.90 19.39
CA MET C 43 15.16 35.76 20.40
C MET C 43 15.89 34.98 21.50
N ASP C 46 10.65 32.54 22.99
CA ASP C 46 11.26 33.11 21.79
C ASP C 46 11.03 32.28 20.51
N LEU C 47 9.93 31.51 20.50
CA LEU C 47 9.52 30.73 19.34
C LEU C 47 8.72 31.66 18.40
N ASN C 48 9.16 31.82 17.14
CA ASN C 48 8.39 32.65 16.21
C ASN C 48 8.67 32.43 14.76
N ILE C 49 7.73 31.75 14.08
CA ILE C 49 7.76 31.53 12.65
C ILE C 49 6.59 32.35 12.11
N TRP C 50 6.85 33.17 11.09
CA TRP C 50 5.84 34.07 10.53
C TRP C 50 4.70 33.32 9.86
N PRO C 51 3.45 33.77 10.11
CA PRO C 51 2.26 33.03 9.66
C PRO C 51 2.23 32.41 8.27
N GLU C 52 2.87 32.99 7.26
CA GLU C 52 2.90 32.41 5.90
C GLU C 52 3.70 31.09 5.83
N TYR C 53 4.68 30.91 6.72
CA TYR C 53 5.55 29.74 6.74
C TYR C 53 5.23 28.72 7.81
N LYS C 54 4.55 29.11 8.92
CA LYS C 54 4.24 28.22 10.05
C LYS C 54 3.94 26.77 9.68
N ASN C 55 2.98 26.56 8.80
CA ASN C 55 2.47 25.26 8.44
C ASN C 55 3.50 24.32 7.70
N ARG C 56 4.53 24.86 7.00
CA ARG C 56 5.48 23.98 6.30
C ARG C 56 6.93 24.06 6.72
N THR C 57 7.30 24.97 7.62
CA THR C 57 8.71 25.13 8.00
C THR C 57 9.03 24.54 9.38
N ILE C 58 10.23 23.92 9.50
CA ILE C 58 10.81 23.35 10.72
C ILE C 58 12.11 24.11 11.02
N PHE C 59 12.36 24.47 12.29
CA PHE C 59 13.60 25.17 12.63
C PHE C 59 14.51 24.35 13.52
N ASP C 60 15.50 23.70 12.90
CA ASP C 60 16.45 22.86 13.62
C ASP C 60 17.52 23.74 14.24
N ILE C 61 17.50 23.94 15.56
CA ILE C 61 18.48 24.81 16.25
C ILE C 61 19.79 24.07 16.56
N THR C 62 19.71 22.76 16.80
CA THR C 62 20.88 21.95 17.08
C THR C 62 21.75 21.75 15.84
N ASN C 63 21.10 21.66 14.67
CA ASN C 63 21.79 21.45 13.40
C ASN C 63 21.92 22.76 12.59
N ASN C 64 23.06 23.48 12.79
CA ASN C 64 23.45 24.71 12.07
C ASN C 64 22.36 25.78 11.84
N LEU C 65 21.35 25.89 12.75
CA LEU C 65 20.19 26.82 12.64
C LEU C 65 19.50 26.71 11.28
N SER C 66 19.37 25.46 10.81
CA SER C 66 18.79 25.14 9.52
C SER C 66 17.28 25.23 9.51
N ILE C 67 16.73 25.46 8.32
CA ILE C 67 15.29 25.49 8.13
C ILE C 67 14.90 24.44 7.11
N MET C 68 13.88 23.67 7.43
CA MET C 68 13.40 22.63 6.54
C MET C 68 12.07 23.04 5.97
N ILE C 69 11.95 22.95 4.66
CA ILE C 69 10.71 23.29 4.01
C ILE C 69 10.09 22.08 3.39
N LEU C 70 9.00 21.60 4.00
CA LEU C 70 8.35 20.40 3.51
C LEU C 70 7.45 20.76 2.33
N GLY C 71 7.28 19.81 1.42
CA GLY C 71 6.44 19.93 0.24
C GLY C 71 6.74 21.09 -0.68
N LEU C 72 7.97 21.15 -1.20
CA LEU C 72 8.45 22.22 -2.07
C LEU C 72 7.61 22.53 -3.28
N ARG C 73 7.13 23.75 -3.39
CA ARG C 73 6.37 24.22 -4.54
C ARG C 73 7.24 25.27 -5.28
N PRO C 74 7.00 25.53 -6.58
CA PRO C 74 7.85 26.51 -7.30
C PRO C 74 7.90 27.89 -6.65
N SER C 75 6.86 28.24 -5.84
CA SER C 75 6.79 29.49 -5.10
C SER C 75 7.99 29.63 -4.17
N ASP C 76 8.42 28.51 -3.54
CA ASP C 76 9.54 28.46 -2.60
C ASP C 76 10.90 28.81 -3.20
N GLU C 77 11.04 28.71 -4.52
CA GLU C 77 12.29 29.03 -5.20
C GLU C 77 12.67 30.50 -4.96
N GLY C 78 13.81 30.73 -4.32
CA GLY C 78 14.24 32.10 -4.02
C GLY C 78 15.52 32.19 -3.22
N THR C 79 15.96 33.43 -2.90
CA THR C 79 17.19 33.62 -2.12
C THR C 79 16.88 33.77 -0.62
N TYR C 80 17.47 32.90 0.22
CA TYR C 80 17.27 32.89 1.67
C TYR C 80 18.46 33.46 2.40
N GLU C 81 18.20 34.23 3.44
CA GLU C 81 19.21 34.92 4.21
C GLU C 81 19.05 34.65 5.70
N CYS C 82 20.10 34.16 6.33
CA CYS C 82 20.14 33.89 7.76
C CYS C 82 21.12 34.87 8.44
N VAL C 83 20.67 35.49 9.54
CA VAL C 83 21.44 36.50 10.26
C VAL C 83 21.59 36.12 11.73
N VAL C 84 22.80 36.23 12.28
CA VAL C 84 23.06 35.93 13.68
C VAL C 84 23.53 37.22 14.36
N LEU C 85 22.81 37.65 15.40
CA LEU C 85 23.09 38.92 16.09
C LEU C 85 23.66 38.79 17.51
N LYS C 86 24.93 39.12 17.63
CA LYS C 86 25.69 39.06 18.88
C LYS C 86 25.66 40.42 19.56
N TYR C 87 25.02 40.52 20.74
CA TYR C 87 25.01 41.79 21.49
C TYR C 87 26.38 41.93 22.19
N GLU C 88 27.00 43.12 22.12
CA GLU C 88 28.30 43.34 22.76
C GLU C 88 28.34 44.65 23.55
N PHE C 92 21.85 43.97 17.84
CA PHE C 92 22.68 45.10 18.21
C PHE C 92 23.97 45.14 17.37
N LYS C 93 24.61 43.98 17.22
CA LYS C 93 25.83 43.82 16.42
C LYS C 93 25.72 42.51 15.63
N ARG C 94 26.27 42.48 14.43
CA ARG C 94 26.15 41.32 13.55
C ARG C 94 27.36 40.42 13.64
N GLU C 95 27.14 39.11 13.71
CA GLU C 95 28.26 38.17 13.76
C GLU C 95 28.28 37.30 12.50
N HIS C 96 27.10 36.86 12.02
CA HIS C 96 27.06 35.94 10.89
C HIS C 96 25.97 36.19 9.87
N LEU C 97 26.30 36.02 8.59
CA LEU C 97 25.33 36.12 7.51
C LEU C 97 25.47 34.90 6.62
N ALA C 98 24.34 34.30 6.25
CA ALA C 98 24.32 33.13 5.40
C ALA C 98 23.38 33.39 4.26
N GLU C 99 23.83 33.14 3.03
CA GLU C 99 22.96 33.32 1.86
C GLU C 99 22.85 31.98 1.14
N VAL C 100 21.61 31.49 0.95
CA VAL C 100 21.32 30.19 0.32
C VAL C 100 20.21 30.32 -0.74
N THR C 101 20.49 29.93 -1.99
CA THR C 101 19.51 30.02 -3.07
C THR C 101 18.85 28.70 -3.36
N LEU C 102 17.53 28.62 -3.12
CA LEU C 102 16.79 27.42 -3.39
C LEU C 102 16.29 27.43 -4.83
N SER C 103 16.54 26.35 -5.56
CA SER C 103 16.08 26.20 -6.93
C SER C 103 15.10 25.03 -6.98
N VAL C 104 13.80 25.32 -7.00
CA VAL C 104 12.78 24.29 -7.06
C VAL C 104 12.51 23.97 -8.52
N LYS C 105 12.81 22.73 -8.95
CA LYS C 105 12.59 22.33 -10.34
C LYS C 105 11.62 21.18 -10.49
N ALA C 106 11.04 21.01 -11.70
CA ALA C 106 10.08 19.94 -12.00
C ALA C 106 10.62 18.53 -11.76
N PHE D 1 3.28 22.54 15.21
CA PHE D 1 2.67 21.53 16.08
C PHE D 1 3.74 20.62 16.75
N THR D 2 3.38 19.43 17.33
CA THR D 2 4.41 18.58 17.93
C THR D 2 4.27 17.09 17.55
N VAL D 3 5.33 16.52 16.97
CA VAL D 3 5.41 15.12 16.61
C VAL D 3 6.00 14.40 17.82
N THR D 4 5.46 13.23 18.17
CA THR D 4 5.93 12.42 19.30
C THR D 4 6.14 10.97 18.90
N VAL D 5 6.96 10.25 19.66
CA VAL D 5 7.23 8.84 19.40
C VAL D 5 7.02 8.00 20.65
N PRO D 6 6.39 6.82 20.50
CA PRO D 6 6.20 5.94 21.68
C PRO D 6 7.54 5.36 22.12
N LYS D 7 8.28 4.83 21.13
CA LYS D 7 9.61 4.30 21.33
C LYS D 7 10.56 5.12 20.47
N ASP D 8 11.68 5.52 21.07
CA ASP D 8 12.78 6.20 20.37
C ASP D 8 13.85 5.19 19.89
N LEU D 9 13.73 3.90 20.28
CA LEU D 9 14.63 2.82 19.92
C LEU D 9 13.85 1.53 19.72
N TYR D 10 14.11 0.83 18.61
CA TYR D 10 13.48 -0.46 18.32
C TYR D 10 14.59 -1.47 18.09
N VAL D 11 14.56 -2.60 18.81
CA VAL D 11 15.55 -3.67 18.61
C VAL D 11 14.80 -4.85 18.03
N VAL D 12 15.10 -5.15 16.78
CA VAL D 12 14.35 -6.10 15.98
C VAL D 12 15.16 -7.31 15.50
N GLU D 13 14.50 -8.47 15.41
CA GLU D 13 15.14 -9.68 14.88
C GLU D 13 15.16 -9.68 13.37
N TYR D 14 16.24 -10.21 12.79
CA TYR D 14 16.42 -10.36 11.34
C TYR D 14 15.28 -11.21 10.76
N GLY D 15 14.71 -10.75 9.65
CA GLY D 15 13.61 -11.45 9.02
C GLY D 15 12.25 -11.07 9.54
N SER D 16 12.20 -10.29 10.64
CA SER D 16 10.99 -9.81 11.32
C SER D 16 10.19 -8.77 10.49
N ASN D 17 8.98 -8.42 10.97
CA ASN D 17 8.10 -7.42 10.39
C ASN D 17 8.01 -6.33 11.45
N MET D 18 8.61 -5.18 11.18
CA MET D 18 8.68 -4.08 12.12
C MET D 18 7.90 -2.86 11.68
N THR D 19 7.20 -2.23 12.61
CA THR D 19 6.48 -1.00 12.34
C THR D 19 6.91 0.05 13.33
N ILE D 20 7.47 1.15 12.83
CA ILE D 20 7.88 2.25 13.68
C ILE D 20 6.92 3.42 13.45
N GLU D 21 6.51 4.11 14.52
CA GLU D 21 5.47 5.14 14.38
C GLU D 21 5.73 6.50 15.01
N CYS D 22 5.16 7.52 14.36
CA CYS D 22 5.19 8.92 14.75
C CYS D 22 3.77 9.34 14.95
N LYS D 23 3.43 9.85 16.12
CA LYS D 23 2.07 10.29 16.39
C LYS D 23 2.00 11.81 16.37
N PHE D 24 1.11 12.36 15.55
CA PHE D 24 0.89 13.80 15.33
C PHE D 24 -0.60 14.13 15.57
N PRO D 25 -0.90 15.37 15.98
CA PRO D 25 -2.30 15.70 16.31
C PRO D 25 -3.27 15.77 15.16
N VAL D 26 -4.44 15.13 15.34
CA VAL D 26 -5.55 15.11 14.37
C VAL D 26 -6.85 15.43 15.13
N GLU D 27 -7.64 16.39 14.63
CA GLU D 27 -8.89 16.77 15.31
C GLU D 27 -10.15 16.40 14.54
N LYS D 28 -10.92 15.41 15.05
CA LYS D 28 -12.15 14.88 14.47
C LYS D 28 -11.88 14.22 13.08
N GLN D 29 -11.75 15.01 11.99
CA GLN D 29 -11.46 14.44 10.69
C GLN D 29 -10.06 14.77 10.18
N LEU D 30 -9.58 13.94 9.26
CA LEU D 30 -8.25 14.11 8.69
C LEU D 30 -8.34 14.78 7.33
N ASP D 31 -7.76 15.99 7.21
CA ASP D 31 -7.74 16.67 5.91
C ASP D 31 -6.54 16.13 5.17
N LEU D 32 -6.80 15.20 4.27
CA LEU D 32 -5.79 14.55 3.46
C LEU D 32 -4.96 15.55 2.63
N ALA D 33 -5.62 16.60 2.13
CA ALA D 33 -4.98 17.61 1.31
C ALA D 33 -3.96 18.47 2.08
N ALA D 34 -4.08 18.55 3.40
CA ALA D 34 -3.16 19.34 4.21
C ALA D 34 -2.05 18.51 4.85
N LEU D 35 -1.95 17.21 4.52
CA LEU D 35 -0.99 16.33 5.16
C LEU D 35 0.27 16.05 4.36
N ILE D 36 1.42 16.18 5.00
CA ILE D 36 2.69 15.85 4.40
C ILE D 36 3.44 14.95 5.36
N VAL D 37 3.88 13.79 4.91
CA VAL D 37 4.62 12.84 5.73
C VAL D 37 5.81 12.33 4.93
N TYR D 38 7.00 12.41 5.51
CA TYR D 38 8.19 11.87 4.89
C TYR D 38 8.83 10.90 5.88
N TRP D 39 9.34 9.78 5.39
CA TRP D 39 10.09 8.85 6.21
C TRP D 39 11.41 8.66 5.50
N GLU D 40 12.52 8.79 6.23
CA GLU D 40 13.85 8.56 5.68
C GLU D 40 14.79 7.92 6.72
N MET D 41 15.85 7.26 6.27
CA MET D 41 16.86 6.71 7.18
C MET D 41 18.20 7.03 6.58
N GLU D 42 19.02 7.81 7.32
CA GLU D 42 20.31 8.29 6.83
C GLU D 42 20.02 9.16 5.56
N ASP D 43 20.81 9.03 4.48
CA ASP D 43 20.57 9.78 3.24
C ASP D 43 19.35 9.22 2.48
N LYS D 44 19.12 7.89 2.58
CA LYS D 44 18.05 7.12 1.91
C LYS D 44 16.65 7.61 2.19
N ASN D 45 15.84 7.72 1.12
CA ASN D 45 14.43 8.13 1.18
C ASN D 45 13.56 6.89 1.24
N ILE D 46 12.53 6.94 2.07
CA ILE D 46 11.62 5.82 2.20
C ILE D 46 10.22 6.18 1.74
N ILE D 47 9.62 7.19 2.35
CA ILE D 47 8.26 7.58 2.06
C ILE D 47 8.18 9.04 1.73
N GLN D 48 7.39 9.39 0.70
CA GLN D 48 7.07 10.78 0.34
C GLN D 48 5.59 10.84 0.13
N PHE D 49 4.88 11.37 1.11
CA PHE D 49 3.44 11.47 1.04
C PHE D 49 3.08 12.92 1.16
N VAL D 50 2.82 13.61 0.06
CA VAL D 50 2.45 15.01 0.16
C VAL D 50 1.05 15.21 -0.34
N HIS D 51 0.22 15.84 0.50
CA HIS D 51 -1.17 16.16 0.26
C HIS D 51 -1.95 14.98 -0.28
N GLY D 52 -1.80 13.83 0.37
CA GLY D 52 -2.50 12.62 -0.03
C GLY D 52 -2.01 11.90 -1.28
N GLU D 53 -0.82 12.25 -1.75
CA GLU D 53 -0.24 11.64 -2.94
C GLU D 53 1.09 11.05 -2.60
N GLU D 54 1.22 9.74 -2.78
CA GLU D 54 2.46 9.05 -2.46
C GLU D 54 3.25 8.81 -3.73
N ASP D 55 4.52 9.24 -3.76
CA ASP D 55 5.36 8.94 -4.91
C ASP D 55 6.21 7.73 -4.56
N LEU D 56 6.15 6.74 -5.43
CA LEU D 56 6.89 5.50 -5.25
C LEU D 56 8.28 5.59 -5.89
N LYS D 57 8.39 6.35 -6.98
CA LYS D 57 9.65 6.55 -7.68
C LYS D 57 10.73 7.17 -6.77
N VAL D 58 10.32 7.92 -5.73
CA VAL D 58 11.22 8.55 -4.76
C VAL D 58 11.83 7.55 -3.77
N GLN D 59 11.15 6.41 -3.53
CA GLN D 59 11.62 5.40 -2.58
C GLN D 59 12.90 4.70 -2.99
N HIS D 60 13.87 4.66 -2.07
CA HIS D 60 15.17 4.03 -2.28
C HIS D 60 15.07 2.55 -2.61
N SER D 61 15.81 2.10 -3.64
CA SER D 61 15.82 0.72 -4.16
C SER D 61 15.95 -0.38 -3.09
N SER D 62 16.75 -0.15 -2.05
CA SER D 62 16.91 -1.16 -0.99
C SER D 62 15.62 -1.44 -0.21
N TYR D 63 14.68 -0.50 -0.21
CA TYR D 63 13.44 -0.63 0.53
C TYR D 63 12.23 -1.09 -0.28
N ARG D 64 12.34 -1.14 -1.63
CA ARG D 64 11.24 -1.59 -2.49
C ARG D 64 10.71 -2.95 -2.08
N GLN D 65 9.37 -3.14 -2.13
CA GLN D 65 8.70 -4.39 -1.76
C GLN D 65 8.60 -4.62 -0.25
N ARG D 66 9.32 -3.81 0.58
CA ARG D 66 9.34 -4.03 2.03
C ARG D 66 8.78 -2.89 2.85
N ALA D 67 9.06 -1.63 2.45
CA ALA D 67 8.56 -0.49 3.20
C ALA D 67 7.23 0.07 2.67
N ARG D 68 6.26 0.29 3.57
CA ARG D 68 4.99 0.91 3.22
C ARG D 68 4.44 1.79 4.38
N LEU D 69 3.78 2.89 4.03
CA LEU D 69 3.19 3.76 5.04
C LEU D 69 1.74 3.28 5.22
N LEU D 70 1.35 3.02 6.46
CA LEU D 70 0.01 2.54 6.76
C LEU D 70 -0.94 3.74 6.82
N LYS D 71 -1.65 3.95 5.70
CA LYS D 71 -2.55 5.09 5.54
C LYS D 71 -3.80 5.02 6.42
N ASP D 72 -4.13 3.83 6.90
CA ASP D 72 -5.25 3.67 7.81
C ASP D 72 -4.99 4.31 9.18
N GLN D 73 -3.71 4.35 9.59
CA GLN D 73 -3.20 4.94 10.83
C GLN D 73 -3.13 6.47 10.78
N LEU D 74 -3.10 7.05 9.57
CA LEU D 74 -3.06 8.49 9.41
C LEU D 74 -4.30 9.15 9.97
N SER D 75 -5.47 8.51 9.77
CA SER D 75 -6.77 8.96 10.30
C SER D 75 -6.71 9.13 11.83
N LEU D 76 -5.99 8.21 12.50
CA LEU D 76 -5.80 8.18 13.95
C LEU D 76 -4.65 9.06 14.45
N GLY D 77 -3.97 9.76 13.56
CA GLY D 77 -2.87 10.62 13.93
C GLY D 77 -1.58 9.87 14.17
N ASN D 78 -1.35 8.76 13.43
CA ASN D 78 -0.05 8.09 13.53
C ASN D 78 0.44 7.61 12.17
N ALA D 79 1.61 8.13 11.83
CA ALA D 79 2.35 7.85 10.61
C ALA D 79 3.15 6.62 10.92
N ALA D 80 2.68 5.47 10.49
CA ALA D 80 3.34 4.20 10.79
C ALA D 80 4.05 3.64 9.58
N LEU D 81 5.37 3.47 9.72
CA LEU D 81 6.18 2.89 8.66
C LEU D 81 6.37 1.40 8.95
N GLN D 82 5.84 0.56 8.07
CA GLN D 82 5.99 -0.88 8.21
C GLN D 82 7.00 -1.38 7.23
N ILE D 83 8.00 -2.10 7.76
CA ILE D 83 9.03 -2.73 6.99
C ILE D 83 8.88 -4.21 7.23
N THR D 84 8.58 -4.97 6.18
CA THR D 84 8.42 -6.41 6.29
C THR D 84 9.71 -7.10 5.86
N ASP D 85 10.07 -8.24 6.51
CA ASP D 85 11.30 -8.96 6.17
C ASP D 85 12.52 -8.05 6.37
N VAL D 86 12.70 -7.52 7.60
CA VAL D 86 13.81 -6.62 7.89
C VAL D 86 15.17 -7.31 7.66
N LYS D 87 16.07 -6.58 7.06
CA LYS D 87 17.42 -7.02 6.76
C LYS D 87 18.42 -6.26 7.66
N LEU D 88 19.73 -6.59 7.59
CA LEU D 88 20.67 -5.90 8.45
C LEU D 88 20.89 -4.44 8.03
N GLN D 89 20.83 -4.18 6.72
CA GLN D 89 20.95 -2.83 6.19
C GLN D 89 19.87 -1.86 6.78
N ASP D 90 18.82 -2.40 7.38
CA ASP D 90 17.76 -1.65 8.00
C ASP D 90 18.14 -0.99 9.31
N ALA D 91 19.24 -1.41 9.92
CA ALA D 91 19.68 -0.82 11.17
C ALA D 91 20.14 0.62 10.87
N GLY D 92 19.75 1.56 11.72
CA GLY D 92 20.13 2.94 11.50
C GLY D 92 19.20 3.94 12.12
N VAL D 93 19.39 5.21 11.79
CA VAL D 93 18.58 6.28 12.35
C VAL D 93 17.55 6.79 11.38
N TYR D 94 16.30 6.39 11.64
CA TYR D 94 15.12 6.80 10.91
C TYR D 94 14.65 8.19 11.36
N ARG D 95 13.90 8.88 10.51
CA ARG D 95 13.40 10.20 10.82
C ARG D 95 12.11 10.47 10.07
N CYS D 96 11.07 10.87 10.78
CA CYS D 96 9.82 11.22 10.16
C CYS D 96 9.66 12.74 10.17
N MET D 97 9.15 13.32 9.09
CA MET D 97 8.92 14.75 9.00
C MET D 97 7.48 14.89 8.65
N ILE D 98 6.72 15.55 9.50
CA ILE D 98 5.29 15.68 9.29
C ILE D 98 4.81 17.11 9.28
N SER D 99 3.92 17.45 8.35
CA SER D 99 3.32 18.76 8.24
C SER D 99 1.80 18.62 8.16
N TYR D 100 1.09 19.16 9.15
CA TYR D 100 -0.36 19.10 9.22
C TYR D 100 -0.78 20.19 10.20
N GLY D 101 -0.90 21.41 9.68
CA GLY D 101 -1.19 22.60 10.48
C GLY D 101 -0.01 22.98 11.34
N GLY D 102 1.17 22.90 10.75
CA GLY D 102 2.44 23.09 11.46
C GLY D 102 3.33 21.89 11.19
N ALA D 103 4.64 22.05 11.41
CA ALA D 103 5.59 20.97 11.10
C ALA D 103 6.54 20.63 12.23
N ASP D 104 6.97 19.35 12.28
CA ASP D 104 7.93 18.84 13.27
C ASP D 104 8.53 17.51 12.78
N TYR D 105 9.59 17.06 13.45
CA TYR D 105 10.23 15.80 13.09
C TYR D 105 10.73 15.06 14.33
N LYS D 106 10.83 13.74 14.22
CA LYS D 106 11.38 12.92 15.28
C LYS D 106 12.30 11.86 14.70
N ARG D 107 13.34 11.49 15.46
CA ARG D 107 14.29 10.48 15.01
C ARG D 107 14.14 9.21 15.85
N ILE D 108 14.22 8.05 15.18
CA ILE D 108 14.12 6.72 15.78
C ILE D 108 15.38 5.96 15.49
N THR D 109 15.99 5.35 16.52
CA THR D 109 17.18 4.51 16.39
C THR D 109 16.74 3.05 16.22
N VAL D 110 17.18 2.37 15.17
CA VAL D 110 16.79 0.98 14.91
C VAL D 110 18.01 0.06 14.93
N LYS D 111 17.93 -1.03 15.71
CA LYS D 111 19.00 -1.99 15.81
C LYS D 111 18.51 -3.37 15.41
N VAL D 112 19.14 -3.97 14.40
CA VAL D 112 18.77 -5.31 13.92
C VAL D 112 19.79 -6.36 14.43
N ASN D 113 19.36 -7.55 14.96
CA ASN D 113 20.37 -8.54 15.37
C ASN D 113 20.03 -9.98 14.91
N ALA D 114 20.67 -10.40 13.81
CA ALA D 114 20.51 -11.70 13.16
C ALA D 114 20.99 -12.89 13.99
N PRO D 115 20.14 -13.93 14.10
CA PRO D 115 20.52 -15.12 14.88
C PRO D 115 21.15 -16.27 14.09
N TYR D 116 21.89 -17.14 14.81
CA TYR D 116 22.57 -18.27 14.21
C TYR D 116 21.76 -19.57 14.25
N ASN D 117 20.53 -19.52 13.75
CA ASN D 117 19.66 -20.71 13.68
C ASN D 117 19.97 -21.54 12.44
N LYS D 118 20.40 -20.87 11.38
CA LYS D 118 20.74 -21.43 10.07
C LYS D 118 22.05 -22.25 10.09
N ILE D 119 22.15 -23.31 10.94
CA ILE D 119 23.39 -24.08 11.00
C ILE D 119 23.48 -25.16 9.93
N ASN D 120 24.44 -25.03 9.03
CA ASN D 120 24.68 -25.99 7.97
C ASN D 120 25.83 -26.88 8.42
N GLN D 121 25.65 -28.18 8.34
CA GLN D 121 26.67 -29.10 8.78
C GLN D 121 27.15 -30.05 7.70
N ARG D 122 28.39 -30.50 7.81
CA ARG D 122 28.96 -31.41 6.84
C ARG D 122 29.89 -32.36 7.55
N ILE D 123 29.67 -33.66 7.37
CA ILE D 123 30.51 -34.67 7.99
C ILE D 123 31.18 -35.40 6.87
N LEU D 124 32.51 -35.37 6.82
CA LEU D 124 33.24 -36.02 5.75
C LEU D 124 34.27 -36.99 6.26
N VAL D 125 34.42 -38.13 5.57
CA VAL D 125 35.43 -39.10 5.95
C VAL D 125 36.72 -38.65 5.27
N VAL D 126 37.74 -38.36 6.06
CA VAL D 126 39.03 -37.91 5.53
C VAL D 126 39.86 -39.14 5.16
N ASP D 127 39.93 -40.11 6.07
CA ASP D 127 40.71 -41.33 5.89
C ASP D 127 40.03 -42.48 6.63
N PRO D 128 39.41 -43.41 5.89
CA PRO D 128 38.72 -44.53 6.54
C PRO D 128 39.62 -45.55 7.21
N VAL D 129 40.90 -45.62 6.84
CA VAL D 129 41.82 -46.56 7.47
C VAL D 129 42.04 -46.17 8.94
N THR D 130 42.20 -44.86 9.17
CA THR D 130 42.40 -44.31 10.52
C THR D 130 41.10 -43.78 11.16
N SER D 131 39.96 -43.87 10.44
CA SER D 131 38.65 -43.37 10.83
C SER D 131 38.64 -41.87 11.11
N GLU D 132 39.52 -41.11 10.44
CA GLU D 132 39.57 -39.67 10.63
C GLU D 132 38.41 -39.00 9.89
N HIS D 133 37.70 -38.10 10.58
CA HIS D 133 36.59 -37.38 9.98
C HIS D 133 36.81 -35.87 10.10
N GLU D 134 36.21 -35.10 9.20
CA GLU D 134 36.27 -33.64 9.25
C GLU D 134 34.84 -33.16 9.35
N LEU D 135 34.52 -32.49 10.45
CA LEU D 135 33.17 -32.01 10.72
C LEU D 135 33.13 -30.52 10.61
N THR D 136 32.13 -30.00 9.92
CA THR D 136 32.03 -28.57 9.67
C THR D 136 30.66 -28.04 10.07
N CYS D 137 30.63 -26.86 10.67
CA CYS D 137 29.41 -26.16 11.05
C CYS D 137 29.52 -24.74 10.51
N GLN D 138 28.49 -24.25 9.82
CA GLN D 138 28.53 -22.91 9.24
C GLN D 138 27.20 -22.21 9.39
N ALA D 139 27.20 -20.96 9.87
CA ALA D 139 25.97 -20.17 10.00
C ALA D 139 26.25 -18.69 9.80
N GLU D 140 25.23 -17.94 9.37
CA GLU D 140 25.32 -16.50 9.18
C GLU D 140 24.49 -15.78 10.25
N GLY D 141 24.98 -14.63 10.71
CA GLY D 141 24.32 -13.88 11.76
C GLY D 141 25.03 -12.61 12.12
N TYR D 142 24.54 -11.91 13.14
CA TYR D 142 25.12 -10.64 13.55
C TYR D 142 24.80 -10.37 15.01
N PRO D 143 25.80 -9.93 15.80
CA PRO D 143 27.20 -9.73 15.45
C PRO D 143 28.02 -11.03 15.40
N LYS D 144 29.34 -10.95 15.61
CA LYS D 144 30.21 -12.12 15.57
C LYS D 144 29.81 -13.15 16.62
N ALA D 145 30.05 -14.42 16.30
CA ALA D 145 29.81 -15.52 17.22
C ALA D 145 30.98 -16.47 17.19
N GLU D 146 31.35 -17.02 18.35
CA GLU D 146 32.42 -18.00 18.41
C GLU D 146 31.84 -19.38 18.25
N VAL D 147 32.63 -20.35 17.78
CA VAL D 147 32.15 -21.73 17.68
C VAL D 147 32.84 -22.59 18.74
N ILE D 148 32.04 -23.39 19.46
CA ILE D 148 32.57 -24.25 20.51
C ILE D 148 32.23 -25.69 20.17
N TRP D 149 33.23 -26.57 20.10
CA TRP D 149 32.98 -27.99 19.81
C TRP D 149 32.97 -28.81 21.07
N THR D 150 31.99 -29.69 21.23
CA THR D 150 31.93 -30.57 22.39
C THR D 150 31.73 -32.03 21.98
N SER D 151 32.32 -32.91 22.74
CA SER D 151 32.22 -34.35 22.54
C SER D 151 30.84 -34.83 23.04
N SER D 152 30.57 -36.15 22.92
CA SER D 152 29.32 -36.77 23.41
C SER D 152 29.13 -36.44 24.92
N ASP D 153 30.23 -36.53 25.67
CA ASP D 153 30.36 -36.31 27.11
C ASP D 153 30.59 -34.84 27.52
N HIS D 154 30.26 -33.89 26.63
CA HIS D 154 30.34 -32.43 26.84
C HIS D 154 31.73 -31.82 27.09
N GLN D 155 32.81 -32.51 26.69
CA GLN D 155 34.15 -31.95 26.84
C GLN D 155 34.52 -31.18 25.58
N VAL D 156 35.12 -29.98 25.74
CA VAL D 156 35.47 -29.12 24.60
C VAL D 156 36.64 -29.69 23.76
N LEU D 157 36.52 -29.55 22.43
CA LEU D 157 37.46 -30.06 21.44
C LEU D 157 37.94 -28.92 20.57
N SER D 158 39.23 -28.92 20.21
CA SER D 158 39.81 -27.84 19.42
C SER D 158 39.46 -27.88 17.91
N GLY D 159 38.91 -26.75 17.45
CA GLY D 159 38.53 -26.56 16.06
C GLY D 159 39.17 -25.34 15.44
N LYS D 160 38.88 -25.09 14.15
CA LYS D 160 39.40 -23.96 13.37
C LYS D 160 38.24 -23.12 12.86
N THR D 161 38.07 -21.92 13.42
CA THR D 161 36.96 -21.05 13.07
C THR D 161 37.37 -19.89 12.19
N THR D 162 36.68 -19.71 11.07
CA THR D 162 36.94 -18.59 10.17
C THR D 162 35.73 -17.67 10.11
N THR D 163 35.96 -16.37 10.40
CA THR D 163 34.90 -15.39 10.37
C THR D 163 35.19 -14.35 9.32
N THR D 164 34.28 -14.25 8.35
CA THR D 164 34.31 -13.32 7.23
C THR D 164 32.94 -12.62 7.16
N ASN D 165 32.76 -11.65 6.23
CA ASN D 165 31.44 -11.06 6.03
C ASN D 165 30.68 -11.85 4.97
N SER D 166 29.36 -11.89 5.10
CA SER D 166 28.51 -12.60 4.16
C SER D 166 28.46 -11.88 2.81
N LYS D 167 28.35 -12.67 1.74
CA LYS D 167 28.22 -12.09 0.40
C LYS D 167 26.78 -11.55 0.19
N ARG D 168 25.78 -12.11 0.92
CA ARG D 168 24.39 -11.67 0.85
C ARG D 168 24.28 -10.26 1.45
N GLU D 169 24.41 -10.11 2.79
CA GLU D 169 24.40 -8.78 3.41
C GLU D 169 25.82 -8.50 3.82
N GLU D 170 26.36 -7.33 3.42
CA GLU D 170 27.73 -6.96 3.79
C GLU D 170 27.91 -6.78 5.32
N LYS D 171 26.85 -6.40 6.06
CA LYS D 171 26.97 -6.24 7.51
C LYS D 171 27.05 -7.60 8.25
N LEU D 172 26.30 -8.60 7.73
CA LEU D 172 26.18 -9.98 8.24
C LEU D 172 27.50 -10.75 8.24
N PHE D 173 27.64 -11.71 9.18
CA PHE D 173 28.84 -12.52 9.33
C PHE D 173 28.65 -13.94 8.87
N ASN D 174 29.69 -14.51 8.29
CA ASN D 174 29.65 -15.89 7.85
C ASN D 174 30.69 -16.58 8.71
N VAL D 175 30.22 -17.36 9.70
CA VAL D 175 31.10 -18.06 10.63
C VAL D 175 31.11 -19.56 10.31
N THR D 176 32.30 -20.11 9.98
CA THR D 176 32.46 -21.54 9.66
C THR D 176 33.52 -22.10 10.58
N SER D 177 33.27 -23.27 11.16
CA SER D 177 34.24 -23.92 12.02
C SER D 177 34.45 -25.37 11.61
N THR D 178 35.68 -25.87 11.73
CA THR D 178 35.99 -27.24 11.33
C THR D 178 36.73 -27.99 12.41
N LEU D 179 36.20 -29.18 12.76
CA LEU D 179 36.75 -30.12 13.73
C LEU D 179 37.27 -31.39 13.05
N ARG D 180 38.57 -31.71 13.23
CA ARG D 180 39.13 -32.93 12.65
C ARG D 180 39.38 -33.90 13.80
N ILE D 181 38.77 -35.08 13.74
CA ILE D 181 38.87 -36.05 14.82
C ILE D 181 38.77 -37.48 14.32
N ASN D 182 39.56 -38.39 14.92
CA ASN D 182 39.47 -39.80 14.59
C ASN D 182 38.29 -40.28 15.43
N THR D 183 37.19 -40.60 14.77
CA THR D 183 35.96 -41.00 15.44
C THR D 183 35.28 -42.18 14.77
N THR D 184 34.43 -42.87 15.51
CA THR D 184 33.73 -44.05 15.00
C THR D 184 32.24 -43.70 14.69
N THR D 185 31.48 -44.68 14.18
CA THR D 185 30.10 -44.48 13.82
C THR D 185 29.17 -44.29 15.03
N ASN D 186 28.05 -43.61 14.79
CA ASN D 186 26.96 -43.29 15.71
C ASN D 186 27.34 -42.39 16.88
N GLU D 187 28.58 -41.86 16.91
CA GLU D 187 29.01 -40.94 17.96
C GLU D 187 28.38 -39.58 17.75
N ILE D 188 28.08 -38.88 18.85
CA ILE D 188 27.41 -37.60 18.77
C ILE D 188 28.36 -36.43 19.14
N PHE D 189 28.32 -35.35 18.33
CA PHE D 189 29.16 -34.17 18.53
C PHE D 189 28.30 -32.92 18.50
N TYR D 190 28.74 -31.85 19.16
CA TYR D 190 27.96 -30.61 19.18
C TYR D 190 28.80 -29.38 18.80
N CYS D 191 28.24 -28.52 17.93
CA CYS D 191 28.90 -27.27 17.60
C CYS D 191 27.99 -26.14 18.06
N THR D 192 28.49 -25.27 18.95
CA THR D 192 27.70 -24.19 19.52
C THR D 192 28.15 -22.81 19.02
N PHE D 193 27.22 -22.00 18.52
CA PHE D 193 27.51 -20.67 18.04
C PHE D 193 27.19 -19.66 19.13
N ARG D 194 28.17 -19.35 19.98
CA ARG D 194 27.99 -18.43 21.08
C ARG D 194 28.12 -16.98 20.66
N ARG D 195 26.98 -16.29 20.61
CA ARG D 195 26.93 -14.89 20.22
C ARG D 195 26.89 -14.01 21.47
N LEU D 196 27.23 -12.75 21.30
CA LEU D 196 27.13 -11.79 22.38
C LEU D 196 26.28 -10.59 21.97
N ASP D 197 25.84 -9.84 22.97
CA ASP D 197 24.99 -8.64 22.89
C ASP D 197 24.08 -8.54 21.63
N PRO D 198 22.93 -9.26 21.58
CA PRO D 198 22.38 -10.16 22.61
C PRO D 198 22.95 -11.58 22.60
N GLU D 199 23.31 -12.10 23.79
CA GLU D 199 23.86 -13.44 23.91
C GLU D 199 22.83 -14.50 23.58
N GLU D 200 23.20 -15.40 22.70
CA GLU D 200 22.35 -16.50 22.31
C GLU D 200 23.24 -17.66 21.91
N ASN D 201 22.86 -18.86 22.37
CA ASN D 201 23.62 -20.05 22.01
C ASN D 201 22.79 -20.88 21.08
N HIS D 202 23.36 -21.25 19.94
CA HIS D 202 22.68 -22.11 19.00
C HIS D 202 23.54 -23.34 18.78
N THR D 203 23.05 -24.53 19.13
CA THR D 203 23.85 -25.75 18.99
C THR D 203 23.29 -26.72 17.97
N ALA D 204 24.17 -27.33 17.17
CA ALA D 204 23.75 -28.34 16.20
C ALA D 204 24.36 -29.68 16.59
N GLU D 205 23.57 -30.75 16.49
CA GLU D 205 24.02 -32.11 16.80
C GLU D 205 24.54 -32.76 15.51
N LEU D 206 25.74 -33.35 15.53
CA LEU D 206 26.30 -34.03 14.36
C LEU D 206 26.46 -35.51 14.72
N VAL D 207 25.82 -36.41 13.94
CA VAL D 207 25.98 -37.83 14.19
C VAL D 207 26.72 -38.49 13.06
N ILE D 208 27.85 -39.13 13.36
CA ILE D 208 28.65 -39.80 12.33
C ILE D 208 27.95 -41.05 11.81
N PRO D 209 27.64 -41.12 10.50
CA PRO D 209 26.97 -42.32 9.98
C PRO D 209 27.96 -43.44 9.70
C1 NAG E . 5.79 5.32 -26.09
C2 NAG E . 6.87 6.40 -25.99
C3 NAG E . 8.26 5.86 -26.35
C4 NAG E . 8.55 4.52 -25.68
C5 NAG E . 7.35 3.57 -25.77
C6 NAG E . 7.49 2.28 -24.97
C7 NAG E . 5.70 8.48 -26.59
C8 NAG E . 5.25 9.34 -27.74
N2 NAG E . 6.49 7.45 -26.91
O3 NAG E . 9.24 6.81 -25.96
O4 NAG E . 9.61 3.91 -26.42
O5 NAG E . 6.19 4.22 -25.27
O6 NAG E . 8.79 2.01 -24.43
O7 NAG E . 5.33 8.68 -25.44
C1 NAG E . 10.91 3.89 -25.88
C2 NAG E . 11.83 3.22 -26.92
C3 NAG E . 13.21 3.14 -26.28
C4 NAG E . 13.71 4.54 -25.92
C5 NAG E . 12.71 5.25 -25.01
C6 NAG E . 13.06 6.70 -24.78
C7 NAG E . 10.50 1.73 -28.36
C8 NAG E . 10.61 0.42 -29.09
N2 NAG E . 11.41 1.92 -27.38
O3 NAG E . 14.11 2.52 -27.20
O4 NAG E . 15.00 4.49 -25.31
O5 NAG E . 11.39 5.20 -25.61
O6 NAG E . 12.01 7.42 -24.12
O7 NAG E . 9.66 2.57 -28.65
C1 FUC E . 8.74 1.31 -23.23
C2 FUC E . 10.00 1.61 -22.37
C3 FUC E . 9.64 1.86 -20.89
C4 FUC E . 8.60 0.86 -20.40
C5 FUC E . 7.33 0.87 -21.28
C6 FUC E . 6.77 -0.47 -21.71
O2 FUC E . 10.80 2.68 -22.87
O3 FUC E . 10.82 1.82 -20.08
O4 FUC E . 9.19 -0.43 -20.27
O5 FUC E . 7.54 1.61 -22.51
C1 NAG F . -8.63 -9.65 5.79
C2 NAG F . -8.26 -10.61 6.91
C3 NAG F . -8.19 -9.81 8.21
C4 NAG F . -7.28 -8.59 8.08
C5 NAG F . -7.71 -7.76 6.88
C6 NAG F . -6.81 -6.59 6.63
C7 NAG F . -9.51 -12.63 6.19
C8 NAG F . -10.80 -13.39 6.33
N2 NAG F . -9.37 -11.57 7.00
O3 NAG F . -7.85 -10.58 9.38
O4 NAG F . -7.36 -7.78 9.26
O5 NAG F . -7.68 -8.58 5.71
O6 NAG F . -5.48 -7.04 6.48
O7 NAG F . -8.67 -12.93 5.37
C1 NAG F . -6.56 -11.17 9.55
C2 NAG F . -5.73 -10.36 10.56
C3 NAG F . -4.83 -11.30 11.35
C4 NAG F . -5.68 -12.31 12.11
C5 NAG F . -6.80 -12.93 11.27
C6 NAG F . -8.20 -12.61 11.77
C7 NAG F . -4.61 -8.15 10.56
C8 NAG F . -3.61 -7.28 9.87
N2 NAG F . -4.93 -9.30 9.94
O3 NAG F . -3.99 -10.58 12.25
O4 NAG F . -4.85 -13.32 12.68
O5 NAG F . -6.73 -12.57 9.86
O6 NAG F . -9.23 -13.07 10.90
O7 NAG F . -5.11 -7.85 11.64
C1 FUC F . -4.50 -6.04 6.54
C2 FUC F . -3.22 -6.62 5.92
C3 FUC F . -3.43 -6.81 4.42
C4 FUC F . -3.85 -5.50 3.76
C5 FUC F . -5.11 -4.96 4.44
C6 FUC F . -5.59 -3.62 3.92
O2 FUC F . -2.87 -7.84 6.56
O3 FUC F . -2.28 -7.35 3.78
O4 FUC F . -2.79 -4.55 3.76
O5 FUC F . -4.88 -4.82 5.87
C1 NAG G . -1.13 27.30 6.62
C2 NAG G . -2.19 27.70 5.58
C3 NAG G . -3.44 28.14 6.33
C4 NAG G . -3.92 27.07 7.31
C5 NAG G . -2.77 26.49 8.14
C6 NAG G . -3.13 25.23 8.90
C7 NAG G . -1.04 28.55 3.57
C8 NAG G . -0.47 29.77 2.91
N2 NAG G . -1.70 28.76 4.72
O3 NAG G . -4.48 28.41 5.40
O4 NAG G . -4.83 27.67 8.22
O5 NAG G . -1.64 26.17 7.32
O6 NAG G . -4.51 25.04 9.20
O7 NAG G . -0.88 27.43 3.10
C1 NAG G . -6.23 27.45 8.08
C2 NAG G . -6.96 28.29 9.12
C3 NAG G . -8.45 28.02 8.98
C4 NAG G . -8.93 28.34 7.57
C5 NAG G . -8.09 27.58 6.56
C6 NAG G . -8.39 27.98 5.13
C7 NAG G . -5.46 28.69 11.05
C8 NAG G . -5.49 28.83 12.54
N2 NAG G . -6.53 28.08 10.49
O3 NAG G . -9.16 28.81 9.93
O4 NAG G . -10.31 28.02 7.42
O5 NAG G . -6.70 27.83 6.78
O6 NAG G . -7.47 27.41 4.19
O7 NAG G . -4.52 29.10 10.37
C1 FUC G . -5.14 23.88 8.74
C2 FUC G . -5.07 22.81 9.84
C3 FUC G . -5.86 21.58 9.43
C4 FUC G . -7.28 21.92 9.01
C5 FUC G . -7.34 23.06 8.01
C6 FUC G . -6.97 22.74 6.58
O2 FUC G . -5.58 23.33 11.07
O3 FUC G . -5.18 20.84 8.43
O4 FUC G . -7.97 20.76 8.54
O5 FUC G . -6.51 24.17 8.45
C1 NAG H . 5.20 -10.48 7.75
C2 NAG H . 4.92 -11.89 8.26
C3 NAG H . 4.61 -12.77 7.06
C4 NAG H . 3.40 -12.21 6.31
C5 NAG H . 3.64 -10.74 5.95
C6 NAG H . 2.41 -10.06 5.38
C7 NAG H . 6.13 -13.29 9.89
C8 NAG H . 7.44 -13.55 10.56
N2 NAG H . 6.13 -12.35 8.94
O3 NAG H . 4.35 -14.11 7.49
O4 NAG H . 3.13 -12.97 5.14
O5 NAG H . 3.99 -10.02 7.14
O6 NAG H . 2.57 -8.64 5.35
O7 NAG H . 5.10 -13.89 10.20
C1 NAG H . 2.01 -13.87 5.18
C2 NAG H . 1.63 -14.22 3.74
C3 NAG H . 0.49 -15.23 3.77
C4 NAG H . 0.90 -16.46 4.57
C5 NAG H . 1.37 -16.04 5.97
C6 NAG H . 1.96 -17.19 6.76
C7 NAG H . 2.18 -12.27 2.35
C8 NAG H . 1.65 -11.01 1.73
N2 NAG H . 1.27 -13.05 2.97
O3 NAG H . 0.16 -15.60 2.43
O4 NAG H . -0.18 -17.40 4.64
O5 NAG H . 2.39 -15.05 5.86
O6 NAG H . 2.71 -16.72 7.89
O7 NAG H . 3.37 -12.56 2.33
C1 FUC H . 2.51 -8.09 4.08
C2 FUC H . 1.11 -7.50 3.87
C3 FUC H . 0.97 -6.79 2.51
C4 FUC H . 2.29 -6.43 1.82
C5 FUC H . 3.33 -6.03 2.88
C6 FUC H . 4.68 -5.62 2.33
O2 FUC H . 0.77 -6.59 4.92
O3 FUC H . 0.11 -7.54 1.64
O4 FUC H . 2.78 -7.50 1.02
O5 FUC H . 3.54 -7.11 3.84
C1 NAG I . -25.26 1.93 -29.96
C2 NAG I . -25.65 0.59 -30.61
C3 NAG I . -26.85 -0.01 -29.86
C4 NAG I . -26.48 -0.21 -28.38
C5 NAG I . -25.86 1.04 -27.74
C6 NAG I . -24.45 0.79 -27.18
C7 NAG I . -25.35 -0.06 -32.99
C8 NAG I . -25.54 0.40 -34.40
N2 NAG I . -25.94 0.70 -32.03
O3 NAG I . -27.32 -1.22 -30.45
O4 NAG I . -27.59 -0.69 -27.62
O5 NAG I . -25.80 2.17 -28.64
O6 NAG I . -23.63 1.97 -27.17
O7 NAG I . -24.70 -1.07 -32.71
C1 NAG J . -28.75 -7.51 15.57
C2 NAG J . -27.90 -6.35 16.11
C3 NAG J . -27.69 -6.47 17.62
C4 NAG J . -29.02 -6.64 18.32
C5 NAG J . -29.72 -7.89 17.78
C6 NAG J . -31.07 -8.13 18.39
C7 NAG J . -26.45 -5.50 14.31
C8 NAG J . -25.06 -5.48 13.75
N2 NAG J . -26.64 -6.24 15.41
O3 NAG J . -27.03 -5.31 18.12
O4 NAG J . -28.84 -6.70 19.73
O5 NAG J . -29.93 -7.75 16.37
O6 NAG J . -31.93 -7.02 18.16
O7 NAG J . -27.36 -4.87 13.80
C1 NAG K . -45.61 -24.91 29.69
C2 NAG K . -47.00 -25.55 29.76
C3 NAG K . -47.45 -25.83 31.20
C4 NAG K . -47.23 -24.65 32.14
C5 NAG K . -46.26 -23.58 31.62
C6 NAG K . -45.65 -22.73 32.70
C7 NAG K . -48.74 -25.23 28.03
C8 NAG K . -49.84 -24.34 27.55
N2 NAG K . -47.99 -24.76 29.04
O3 NAG K . -46.87 -27.01 31.73
O4 NAG K . -48.49 -24.07 32.49
O5 NAG K . -45.20 -24.21 30.88
O6 NAG K . -44.76 -21.76 32.17
O7 NAG K . -48.55 -26.35 27.54
C1 NAG L . 27.47 21.87 14.74
C2 NAG L . 27.82 20.82 15.80
C3 NAG L . 28.16 19.57 14.99
C4 NAG L . 26.99 19.11 14.14
C5 NAG L . 26.44 20.28 13.30
C6 NAG L . 25.10 19.96 12.67
C7 NAG L . 28.89 21.21 17.98
C8 NAG L . 30.21 21.38 18.68
N2 NAG L . 28.94 21.21 16.63
O3 NAG L . 28.55 18.52 15.88
O4 NAG L . 27.42 18.08 13.26
O5 NAG L . 26.26 21.47 14.09
O6 NAG L . 24.83 20.79 11.54
O7 NAG L . 27.83 21.09 18.58
C1 NAG M . 30.01 -18.66 3.67
C2 NAG M . 29.76 -18.40 2.18
C3 NAG M . 30.02 -19.66 1.36
C4 NAG M . 31.41 -20.22 1.66
C5 NAG M . 31.47 -20.53 3.15
C6 NAG M . 32.83 -21.06 3.57
C7 NAG M . 28.10 -16.59 1.95
C8 NAG M . 26.68 -16.26 1.66
N2 NAG M . 28.41 -17.90 1.95
O3 NAG M . 29.93 -19.38 -0.05
O4 NAG M . 31.68 -21.37 0.87
O5 NAG M . 31.25 -19.34 3.92
O6 NAG M . 33.85 -20.11 3.30
O7 NAG M . 28.94 -15.73 2.18
C1 NAG N . 44.38 -39.90 14.13
C2 NAG N . 45.16 -38.90 15.00
C3 NAG N . 46.44 -38.49 14.26
C4 NAG N . 47.26 -39.74 13.93
C5 NAG N . 46.41 -40.75 13.15
C6 NAG N . 47.12 -42.06 12.91
C7 NAG N . 43.66 -36.92 14.62
C8 NAG N . 42.69 -36.03 15.30
N2 NAG N . 44.39 -37.73 15.42
O3 NAG N . 47.19 -37.58 15.06
O4 NAG N . 48.44 -39.42 13.18
O5 NAG N . 45.19 -41.05 13.86
O6 NAG N . 47.30 -42.79 14.11
O7 NAG N . 43.79 -36.94 13.39
C1 GOL O . -0.53 0.99 1.76
O1 GOL O . -1.58 0.89 2.73
C2 GOL O . -0.87 0.28 0.46
O2 GOL O . -1.76 1.09 -0.32
C3 GOL O . 0.40 0.02 -0.31
O3 GOL O . 1.17 1.22 -0.40
#